data_8HII
#
_entry.id   8HII
#
_cell.length_a   1.00
_cell.length_b   1.00
_cell.length_c   1.00
_cell.angle_alpha   90.00
_cell.angle_beta   90.00
_cell.angle_gamma   90.00
#
_symmetry.space_group_name_H-M   'P 1'
#
loop_
_entity.id
_entity.type
_entity.pdbx_description
1 polymer 'BRIL-SLC19A1 chimera'
2 polymer 'anti-BRIL Fab heavy chain'
3 polymer 'anti-Fab nanobody'
4 polymer 'anti-BRIL Fab light chain'
#
loop_
_entity_poly.entity_id
_entity_poly.type
_entity_poly.pdbx_seq_one_letter_code
_entity_poly.pdbx_strand_id
1 'polypeptide(L)'
;GPSRATADLEDNWETLNDNLKVIEKADNAAQVKDALTKMRAAALDAQKATPPKLEDKSPDSPEMKDFRHGFDILVGQIDD
ALKLANEGKVKEAQAAAEQLKTTRNAYIQKYLSWRHLVCYLCFYGFMAQIRPGESFITPYLLGPDKNFTREQVTNEITPV
LSYSYLAVLVPVFLLTDYLRYTPVLLLQGLSFVSVWLLLLLGHSVAHMQLMELFYSVTMAARIAYSSYIFSLVRPARYQR
VAGYSRAAVLLGVFTSSVLGQLLVTVGRVSFSTLNYISLAFLTFSVVLALFLKRPKRSLFFNRDDRGRCETSASELERMN
PGPGGKLGHALRVACGDSVLARMLRELGDSLRRPQLRLWSLWWVFNSAGYYLVVYYVHILWNEVDPTTNSARVYNGAADA
ASTLLGAITSFAAGFVKIRWARWSKLLIAGVTATQAGLVFLLAHTRHPSSIWLCYAAFVLFRGSYQFLVPIATFQIASSL
SKELCALVFGVNTFFATIVKTIITFIVSDVRGLGLPVRKQFQLYSVYFLILSIIYFLGAMLDGLRHCQRGHHPRQPPAQG
LRSAAEEKAAQALSVQDKGLGGLQPAQSPPLSPEDSLGAVGPASLEQRQSDPYLAQAPAPQAAEFLSPVTTPSPCTLCSA
QASGPEAADETCPQLAVHPPGVSKLGLQCLPSDGVQNVNQSNS
;
A
2 'polypeptide(L)'
;MGWSLILLFLVAVATRVLSEISEVQLVESGGGLVQPGGSLRLSCAASGFNVVDFSLHWVRQAPGKGLEWVAYISSSSGST
SYADSVKGRFTISADTSKNTAYLQMNSLRAEDTAVYYCARWGYWPGEPWWKAFDYWGQGTLVTVSSASTKGPSVFPLAPS
SKSTSGGTAALGCLVKDYFPEPVTVSWNSGALTSGVHTFPAVLQSSGLYSLSSVVTVPSSSLGTQTYICNVNHKPSNTKV
DKKVEPKSCDKSNSLEVLFQ
;
H
3 'polypeptide(L)'
;MKYLLPTAAAGLLLLAAQPAMAGSQVQLQESGGGLVQPGGSLRLSCAASGRTISRYAMSWFRQAPGKEREFVAVARRSGD
GAFYADSVQGRFTVSRDDAKNTVYLQMNSLKPEDTAVYYCAIDSDTFYSGSYDYWGQGTQVTVSSLEHHHHHH
;
N
4 'polypeptide(L)'
;MGWSCIILFLVATATGVHSSDIQMTQSPSSLSASVGDRVTITCRASQSVSSAVAWYQQKPGKAPKLLIYSASSLYSGVPS
RFSGSRSGTDFTLTISSLQPEDFATYYCQQYLYYSLVTFGQGTKVEIKRTVAAPSVFIFPPSDSQLKSGTASVVCLLNNF
YPREAKVQWKVDNALQSGNSQESVTEQDSKDSTYSLSSTLTLSKADYEKHKVYACEVTHQGLSSPVTKSFNRGEC
;
L
#
# COMPACT_ATOMS: atom_id res chain seq x y z
N ALA A 7 -5.43 3.57 11.15
CA ALA A 7 -6.09 4.22 10.02
C ALA A 7 -7.57 3.87 9.97
N ASP A 8 -8.19 3.80 11.14
CA ASP A 8 -9.61 3.44 11.20
C ASP A 8 -10.49 4.65 10.90
N LEU A 9 -10.41 5.69 11.74
CA LEU A 9 -11.20 6.89 11.54
C LEU A 9 -10.32 8.12 11.62
N GLU A 10 -9.25 8.06 12.42
CA GLU A 10 -8.52 9.26 12.78
C GLU A 10 -7.62 9.75 11.66
N ASP A 11 -6.95 8.83 10.95
CA ASP A 11 -6.10 9.23 9.84
C ASP A 11 -6.91 9.76 8.67
N ASN A 12 -8.04 9.10 8.37
CA ASN A 12 -8.95 9.58 7.33
C ASN A 12 -9.56 10.93 7.71
N TRP A 13 -9.82 11.12 9.00
CA TRP A 13 -10.42 12.38 9.44
C TRP A 13 -9.40 13.52 9.39
N GLU A 14 -8.14 13.23 9.73
CA GLU A 14 -7.13 14.28 9.66
C GLU A 14 -6.76 14.62 8.23
N THR A 15 -6.71 13.63 7.32
CA THR A 15 -6.46 14.00 5.93
C THR A 15 -7.69 14.65 5.30
N LEU A 16 -8.89 14.38 5.82
CA LEU A 16 -10.08 15.10 5.40
C LEU A 16 -10.03 16.56 5.85
N ASN A 17 -9.57 16.80 7.09
CA ASN A 17 -9.45 18.17 7.58
C ASN A 17 -8.36 18.94 6.83
N ASP A 18 -7.24 18.27 6.54
CA ASP A 18 -6.18 18.90 5.77
C ASP A 18 -6.62 19.19 4.34
N ASN A 19 -7.37 18.28 3.73
CA ASN A 19 -7.88 18.51 2.39
C ASN A 19 -8.93 19.61 2.37
N LEU A 20 -9.74 19.73 3.42
CA LEU A 20 -10.70 20.82 3.51
C LEU A 20 -10.00 22.16 3.68
N LYS A 21 -8.88 22.19 4.40
CA LYS A 21 -8.06 23.39 4.47
C LYS A 21 -7.46 23.74 3.11
N VAL A 22 -7.05 22.72 2.35
CA VAL A 22 -6.52 22.92 0.99
C VAL A 22 -7.59 23.51 0.09
N ILE A 23 -8.84 23.02 0.21
CA ILE A 23 -9.96 23.59 -0.53
C ILE A 23 -10.22 25.03 -0.10
N GLU A 24 -10.04 25.31 1.19
CA GLU A 24 -10.30 26.66 1.70
C GLU A 24 -9.28 27.68 1.20
N LYS A 25 -8.00 27.32 1.13
CA LYS A 25 -6.97 28.30 0.87
C LYS A 25 -6.49 28.30 -0.59
N ALA A 26 -7.23 27.72 -1.51
CA ALA A 26 -6.81 27.64 -2.90
C ALA A 26 -7.80 28.31 -3.84
N ASP A 27 -7.26 28.83 -4.94
CA ASP A 27 -8.00 29.29 -6.10
C ASP A 27 -7.57 28.43 -7.30
N ASN A 28 -8.00 28.85 -8.50
CA ASN A 28 -7.70 28.17 -9.77
C ASN A 28 -8.20 26.72 -9.74
N ALA A 29 -9.53 26.60 -9.79
CA ALA A 29 -10.26 25.42 -9.35
C ALA A 29 -10.16 24.19 -10.26
N ALA A 30 -9.16 24.15 -11.16
CA ALA A 30 -8.90 22.94 -11.92
C ALA A 30 -8.43 21.81 -11.03
N GLN A 31 -7.72 22.12 -9.94
CA GLN A 31 -7.18 21.09 -9.05
C GLN A 31 -7.97 20.94 -7.76
N VAL A 32 -9.15 21.54 -7.64
CA VAL A 32 -9.99 21.27 -6.48
C VAL A 32 -10.88 20.06 -6.71
N LYS A 33 -10.95 19.54 -7.93
CA LYS A 33 -11.72 18.34 -8.19
C LYS A 33 -11.04 17.11 -7.58
N ASP A 34 -9.72 17.04 -7.69
CA ASP A 34 -8.95 15.99 -7.01
C ASP A 34 -9.07 16.13 -5.49
N ALA A 35 -9.13 17.37 -5.01
CA ALA A 35 -9.33 17.63 -3.58
C ALA A 35 -10.69 17.13 -3.11
N LEU A 36 -11.75 17.44 -3.86
CA LEU A 36 -13.09 17.00 -3.50
C LEU A 36 -13.26 15.49 -3.62
N THR A 37 -12.60 14.85 -4.59
CA THR A 37 -12.76 13.40 -4.67
C THR A 37 -11.92 12.69 -3.61
N LYS A 38 -10.82 13.31 -3.14
CA LYS A 38 -10.12 12.73 -2.00
C LYS A 38 -10.91 12.95 -0.71
N MET A 39 -11.61 14.09 -0.60
CA MET A 39 -12.60 14.29 0.47
C MET A 39 -13.66 13.21 0.46
N ARG A 40 -14.18 12.89 -0.72
CA ARG A 40 -15.22 11.87 -0.85
C ARG A 40 -14.70 10.48 -0.49
N ALA A 41 -13.47 10.17 -0.89
CA ALA A 41 -12.88 8.87 -0.58
C ALA A 41 -12.61 8.74 0.92
N ALA A 42 -12.11 9.80 1.55
CA ALA A 42 -11.88 9.78 3.00
C ALA A 42 -13.18 9.78 3.79
N ALA A 43 -14.26 10.31 3.22
CA ALA A 43 -15.55 10.28 3.90
C ALA A 43 -16.22 8.92 3.77
N LEU A 44 -16.12 8.29 2.59
CA LEU A 44 -16.73 6.98 2.41
C LEU A 44 -15.91 5.87 3.07
N ASP A 45 -14.62 6.10 3.29
CA ASP A 45 -13.81 5.08 3.95
C ASP A 45 -14.12 5.00 5.44
N ALA A 46 -14.56 6.09 6.05
CA ALA A 46 -14.82 6.14 7.47
C ALA A 46 -16.29 5.92 7.83
N GLN A 47 -17.12 5.48 6.88
CA GLN A 47 -18.53 5.27 7.18
C GLN A 47 -18.74 3.99 7.98
N LYS A 48 -17.92 2.97 7.73
CA LYS A 48 -18.01 1.69 8.43
C LYS A 48 -16.89 1.55 9.48
N ALA A 49 -16.55 2.67 10.12
CA ALA A 49 -15.35 2.73 10.94
C ALA A 49 -15.50 2.06 12.30
N THR A 50 -16.74 1.90 12.81
CA THR A 50 -17.08 1.36 14.14
C THR A 50 -16.31 2.10 15.24
N PRO A 51 -16.75 3.31 15.61
CA PRO A 51 -15.95 4.19 16.49
C PRO A 51 -15.77 3.60 17.88
N PRO A 52 -14.73 4.01 18.62
CA PRO A 52 -14.43 3.33 19.90
C PRO A 52 -15.44 3.59 21.00
N LYS A 53 -16.01 4.80 21.06
CA LYS A 53 -17.04 5.05 22.06
C LYS A 53 -18.37 4.38 21.71
N LEU A 54 -18.54 3.97 20.46
CA LEU A 54 -19.69 3.19 20.01
C LEU A 54 -19.40 1.69 20.04
N GLU A 55 -18.13 1.30 20.22
CA GLU A 55 -17.72 -0.09 20.15
C GLU A 55 -18.33 -0.94 21.26
N ASP A 56 -18.55 -0.35 22.44
CA ASP A 56 -19.19 -1.07 23.53
C ASP A 56 -20.66 -1.36 23.25
N LYS A 57 -21.30 -0.57 22.38
CA LYS A 57 -22.69 -0.81 22.02
C LYS A 57 -22.78 -1.87 20.92
N SER A 58 -23.92 -2.55 20.88
CA SER A 58 -24.13 -3.57 19.86
C SER A 58 -24.38 -2.93 18.49
N PRO A 59 -23.97 -3.59 17.41
CA PRO A 59 -24.24 -3.06 16.08
C PRO A 59 -25.71 -3.21 15.71
N ASP A 60 -26.09 -2.49 14.64
CA ASP A 60 -27.47 -2.39 14.14
C ASP A 60 -28.44 -1.90 15.23
N SER A 61 -27.98 -0.91 16.00
CA SER A 61 -28.67 -0.22 17.08
C SER A 61 -29.18 1.14 16.60
N PRO A 62 -30.29 1.65 17.17
CA PRO A 62 -30.81 2.95 16.70
C PRO A 62 -29.94 4.14 17.08
N GLU A 63 -28.98 4.00 17.97
CA GLU A 63 -28.03 5.05 18.29
C GLU A 63 -26.77 4.97 17.44
N MET A 64 -26.68 3.99 16.55
CA MET A 64 -25.55 3.85 15.64
C MET A 64 -25.81 4.52 14.29
N LYS A 65 -27.08 4.56 13.86
CA LYS A 65 -27.45 5.09 12.55
C LYS A 65 -27.27 6.60 12.44
N ASP A 66 -27.06 7.31 13.55
CA ASP A 66 -26.75 8.73 13.48
C ASP A 66 -25.39 8.96 12.85
N PHE A 67 -24.44 8.05 13.10
CA PHE A 67 -23.12 8.10 12.47
C PHE A 67 -23.22 7.95 10.95
N ARG A 68 -23.98 6.95 10.51
CA ARG A 68 -24.15 6.71 9.07
C ARG A 68 -24.96 7.81 8.41
N HIS A 69 -25.93 8.39 9.14
CA HIS A 69 -26.70 9.49 8.58
C HIS A 69 -25.88 10.77 8.49
N GLY A 70 -24.97 10.98 9.45
CA GLY A 70 -24.09 12.14 9.39
C GLY A 70 -23.10 12.04 8.25
N PHE A 71 -22.50 10.86 8.06
CA PHE A 71 -21.67 10.68 6.87
C PHE A 71 -22.48 10.65 5.59
N ASP A 72 -23.77 10.30 5.65
CA ASP A 72 -24.63 10.36 4.49
C ASP A 72 -24.84 11.80 4.04
N ILE A 73 -25.19 12.69 4.97
CA ILE A 73 -25.36 14.09 4.60
C ILE A 73 -24.01 14.75 4.30
N LEU A 74 -22.92 14.21 4.85
CA LEU A 74 -21.59 14.70 4.55
C LEU A 74 -21.21 14.41 3.09
N VAL A 75 -21.40 13.16 2.66
CA VAL A 75 -21.14 12.79 1.27
C VAL A 75 -22.13 13.45 0.32
N GLY A 76 -23.37 13.70 0.78
CA GLY A 76 -24.32 14.45 -0.03
C GLY A 76 -23.90 15.89 -0.27
N GLN A 77 -23.35 16.55 0.75
CA GLN A 77 -22.82 17.89 0.51
C GLN A 77 -21.49 17.89 -0.23
N ILE A 78 -20.72 16.79 -0.17
CA ILE A 78 -19.57 16.64 -1.07
C ILE A 78 -20.05 16.54 -2.52
N ASP A 79 -21.17 15.84 -2.76
CA ASP A 79 -21.79 15.81 -4.09
C ASP A 79 -22.25 17.21 -4.52
N ASP A 80 -22.86 17.95 -3.60
CA ASP A 80 -23.32 19.30 -3.90
C ASP A 80 -22.15 20.25 -4.16
N ALA A 81 -21.01 19.99 -3.54
CA ALA A 81 -19.82 20.79 -3.82
C ALA A 81 -19.20 20.42 -5.16
N LEU A 82 -19.13 19.14 -5.48
CA LEU A 82 -18.42 18.69 -6.67
C LEU A 82 -19.25 18.85 -7.94
N LYS A 83 -20.58 18.88 -7.84
CA LYS A 83 -21.39 19.12 -9.02
C LYS A 83 -21.34 20.58 -9.46
N LEU A 84 -20.90 21.49 -8.58
CA LEU A 84 -20.72 22.89 -8.94
C LEU A 84 -19.27 23.22 -9.29
N ALA A 85 -18.31 22.37 -8.90
CA ALA A 85 -16.91 22.61 -9.23
C ALA A 85 -16.61 22.31 -10.69
N ASN A 86 -17.43 21.49 -11.35
CA ASN A 86 -17.23 21.18 -12.75
C ASN A 86 -17.91 22.17 -13.69
N GLU A 87 -18.81 23.00 -13.17
CA GLU A 87 -19.54 23.98 -13.97
C GLU A 87 -18.85 25.34 -14.02
N GLY A 88 -17.60 25.42 -13.57
CA GLY A 88 -16.86 26.67 -13.61
C GLY A 88 -17.07 27.59 -12.43
N LYS A 89 -17.84 27.17 -11.42
CA LYS A 89 -18.09 28.00 -10.25
C LYS A 89 -16.99 27.78 -9.23
N VAL A 90 -16.50 28.88 -8.66
CA VAL A 90 -15.38 28.82 -7.72
C VAL A 90 -15.75 29.27 -6.32
N LYS A 91 -16.80 30.05 -6.13
CA LYS A 91 -17.22 30.47 -4.79
C LYS A 91 -18.40 29.66 -4.26
N GLU A 92 -19.17 29.03 -5.14
CA GLU A 92 -20.23 28.12 -4.69
C GLU A 92 -19.64 26.87 -4.07
N ALA A 93 -18.46 26.44 -4.53
CA ALA A 93 -17.73 25.37 -3.86
C ALA A 93 -17.30 25.78 -2.47
N GLN A 94 -16.94 27.06 -2.29
CA GLN A 94 -16.58 27.56 -0.96
C GLN A 94 -17.81 27.63 -0.06
N ALA A 95 -18.97 27.99 -0.61
CA ALA A 95 -20.19 28.01 0.18
C ALA A 95 -20.62 26.60 0.59
N ALA A 96 -20.46 25.63 -0.33
CA ALA A 96 -20.74 24.24 0.02
C ALA A 96 -19.72 23.70 1.01
N ALA A 97 -18.48 24.20 0.97
CA ALA A 97 -17.49 23.82 1.98
C ALA A 97 -17.85 24.41 3.35
N GLU A 98 -18.43 25.61 3.38
CA GLU A 98 -18.89 26.17 4.64
C GLU A 98 -20.08 25.39 5.20
N GLN A 99 -20.99 24.97 4.32
CA GLN A 99 -22.09 24.09 4.76
C GLN A 99 -21.56 22.73 5.23
N LEU A 100 -20.49 22.25 4.60
CA LEU A 100 -19.84 21.03 5.01
C LEU A 100 -19.21 21.19 6.39
N LYS A 101 -18.67 22.37 6.67
CA LYS A 101 -18.14 22.70 7.99
C LYS A 101 -19.25 22.71 9.04
N THR A 102 -20.42 23.27 8.70
CA THR A 102 -21.52 23.31 9.66
C THR A 102 -22.05 21.92 9.96
N THR A 103 -22.20 21.07 8.93
CA THR A 103 -22.62 19.69 9.18
C THR A 103 -21.54 18.88 9.87
N ARG A 104 -20.27 19.24 9.69
CA ARG A 104 -19.17 18.61 10.42
C ARG A 104 -19.26 18.92 11.90
N ASN A 105 -19.56 20.18 12.24
CA ASN A 105 -19.72 20.56 13.64
C ASN A 105 -20.99 19.95 14.22
N ALA A 106 -22.03 19.76 13.40
CA ALA A 106 -23.31 19.28 13.91
C ALA A 106 -23.31 17.77 14.15
N TYR A 107 -23.04 16.99 13.11
CA TYR A 107 -23.36 15.57 13.14
C TYR A 107 -22.22 14.66 13.59
N ILE A 108 -20.98 14.91 13.16
CA ILE A 108 -19.91 13.93 13.28
C ILE A 108 -19.16 14.09 14.60
N GLN A 109 -18.94 15.32 15.06
CA GLN A 109 -18.10 15.60 16.22
C GLN A 109 -18.68 15.07 17.54
N LYS A 110 -19.93 14.65 17.57
CA LYS A 110 -20.47 14.03 18.79
C LYS A 110 -19.83 12.67 19.04
N TYR A 111 -19.55 11.92 17.98
CA TYR A 111 -18.93 10.61 18.09
C TYR A 111 -17.40 10.66 18.05
N LEU A 112 -16.82 11.78 17.63
CA LEU A 112 -15.39 11.96 17.83
C LEU A 112 -15.14 12.25 19.32
N SER A 113 -13.93 11.89 19.77
CA SER A 113 -13.65 11.91 21.20
C SER A 113 -13.48 13.33 21.72
N TRP A 114 -12.45 14.04 21.24
CA TRP A 114 -12.05 15.34 21.75
C TRP A 114 -11.04 15.93 20.79
N ARG A 115 -11.12 17.25 20.57
CA ARG A 115 -10.30 17.91 19.56
C ARG A 115 -9.30 18.90 20.15
N HIS A 116 -9.01 18.79 21.46
CA HIS A 116 -7.89 19.52 22.06
C HIS A 116 -6.97 18.58 22.81
N LEU A 117 -6.98 17.29 22.46
CA LEU A 117 -6.22 16.26 23.17
C LEU A 117 -4.72 16.48 23.15
N VAL A 118 -4.20 17.22 22.17
CA VAL A 118 -2.83 17.69 22.26
C VAL A 118 -2.73 18.78 23.33
N CYS A 119 -3.46 19.88 23.13
CA CYS A 119 -3.24 21.10 23.90
C CYS A 119 -3.64 20.94 25.36
N TYR A 120 -4.70 20.15 25.61
CA TYR A 120 -5.10 19.86 26.98
C TYR A 120 -4.01 19.09 27.71
N LEU A 121 -3.31 18.18 27.03
CA LEU A 121 -2.15 17.55 27.63
C LEU A 121 -1.04 18.56 27.85
N CYS A 122 -0.89 19.53 26.93
CA CYS A 122 -0.04 20.67 27.19
C CYS A 122 -0.56 21.47 28.38
N PHE A 123 -1.89 21.58 28.49
CA PHE A 123 -2.49 22.21 29.65
C PHE A 123 -2.37 21.33 30.89
N TYR A 124 -2.08 20.04 30.72
CA TYR A 124 -1.68 19.22 31.86
C TYR A 124 -0.17 19.23 32.04
N GLY A 125 0.59 19.52 30.97
CA GLY A 125 2.03 19.56 31.11
C GLY A 125 2.55 20.79 31.80
N PHE A 126 1.70 21.79 32.02
CA PHE A 126 2.08 23.05 32.64
C PHE A 126 1.56 23.17 34.06
N MET A 127 0.25 23.06 34.25
CA MET A 127 -0.37 23.31 35.55
C MET A 127 -0.07 22.21 36.56
N ALA A 128 0.27 21.01 36.10
CA ALA A 128 0.71 19.95 37.01
C ALA A 128 2.20 20.03 37.30
N GLN A 129 2.91 21.00 36.72
CA GLN A 129 4.31 21.20 37.04
C GLN A 129 4.57 22.48 37.81
N ILE A 130 3.56 23.33 38.00
CA ILE A 130 3.72 24.53 38.81
C ILE A 130 3.71 24.13 40.28
N ARG A 131 4.90 24.08 40.87
CA ARG A 131 5.07 23.76 42.29
C ARG A 131 6.13 24.72 42.81
N PRO A 132 5.74 25.94 43.21
CA PRO A 132 6.74 26.98 43.51
C PRO A 132 7.50 26.77 44.80
N GLY A 133 7.10 25.80 45.63
CA GLY A 133 7.86 25.47 46.81
C GLY A 133 8.59 24.16 46.68
N GLU A 134 9.03 23.84 45.46
CA GLU A 134 9.73 22.58 45.23
C GLU A 134 11.16 22.63 45.74
N SER A 135 11.92 23.64 45.31
CA SER A 135 13.30 23.80 45.75
C SER A 135 13.42 24.44 47.12
N PHE A 136 12.31 24.91 47.70
CA PHE A 136 12.31 25.56 49.00
C PHE A 136 11.80 24.65 50.11
N ILE A 137 11.88 23.33 49.92
CA ILE A 137 11.49 22.40 50.98
C ILE A 137 12.54 22.40 52.09
N THR A 138 13.82 22.33 51.71
CA THR A 138 14.94 22.27 52.65
C THR A 138 15.12 23.57 53.46
N PRO A 139 15.00 24.79 52.92
CA PRO A 139 14.98 25.95 53.83
C PRO A 139 13.73 26.07 54.68
N TYR A 140 12.63 25.41 54.32
CA TYR A 140 11.47 25.38 55.20
C TYR A 140 11.70 24.44 56.39
N LEU A 141 12.56 23.44 56.21
CA LEU A 141 12.87 22.53 57.30
C LEU A 141 13.87 23.14 58.26
N LEU A 142 14.95 23.73 57.74
CA LEU A 142 15.97 24.31 58.60
C LEU A 142 15.60 25.70 59.12
N GLY A 143 14.46 26.25 58.69
CA GLY A 143 14.08 27.56 59.10
C GLY A 143 13.52 27.60 60.52
N PRO A 144 13.10 28.78 60.95
CA PRO A 144 12.55 28.92 62.31
C PRO A 144 11.16 28.34 62.49
N ASP A 145 10.51 27.88 61.42
CA ASP A 145 9.14 27.40 61.51
C ASP A 145 9.07 26.01 62.14
N LYS A 146 9.72 25.03 61.52
CA LYS A 146 9.65 23.66 61.99
C LYS A 146 10.79 23.28 62.94
N ASN A 147 11.88 24.04 62.92
CA ASN A 147 13.02 23.90 63.83
C ASN A 147 13.67 22.51 63.72
N PHE A 148 14.10 22.16 62.52
CA PHE A 148 14.94 20.99 62.30
C PHE A 148 16.41 21.40 62.26
N THR A 149 17.27 20.49 62.70
CA THR A 149 18.70 20.71 62.64
C THR A 149 19.26 20.18 61.32
N ARG A 150 20.55 20.43 61.11
CA ARG A 150 21.18 20.03 59.85
C ARG A 150 21.53 18.55 59.85
N GLU A 151 21.92 18.00 61.01
CA GLU A 151 22.31 16.59 61.08
C GLU A 151 21.11 15.67 60.93
N GLN A 152 19.95 16.07 61.48
CA GLN A 152 18.76 15.24 61.40
C GLN A 152 18.19 15.22 59.99
N VAL A 153 18.29 16.33 59.25
CA VAL A 153 17.84 16.34 57.87
C VAL A 153 18.90 15.75 56.95
N THR A 154 20.15 15.68 57.39
CA THR A 154 21.21 15.12 56.55
C THR A 154 21.24 13.60 56.62
N ASN A 155 21.28 13.05 57.83
CA ASN A 155 21.56 11.63 58.02
C ASN A 155 20.33 10.76 58.20
N GLU A 156 19.14 11.35 58.36
CA GLU A 156 17.97 10.56 58.71
C GLU A 156 16.81 10.69 57.75
N ILE A 157 16.52 11.88 57.22
CA ILE A 157 15.32 12.11 56.42
C ILE A 157 15.49 11.62 54.99
N THR A 158 16.50 12.09 54.28
CA THR A 158 16.77 11.63 52.91
C THR A 158 17.24 10.19 52.71
N PRO A 159 17.86 9.47 53.67
CA PRO A 159 17.97 8.01 53.47
C PRO A 159 16.62 7.31 53.40
N VAL A 160 15.62 7.78 54.17
CA VAL A 160 14.27 7.27 54.05
C VAL A 160 13.70 7.54 52.66
N LEU A 161 14.08 8.69 52.07
CA LEU A 161 13.75 8.96 50.67
C LEU A 161 14.36 7.94 49.72
N SER A 162 15.63 7.55 49.97
CA SER A 162 16.27 6.56 49.10
C SER A 162 15.64 5.18 49.23
N TYR A 163 15.44 4.71 50.47
CA TYR A 163 14.83 3.39 50.67
C TYR A 163 13.39 3.36 50.18
N SER A 164 12.66 4.45 50.37
CA SER A 164 11.29 4.53 49.88
C SER A 164 11.25 4.63 48.37
N TYR A 165 12.26 5.23 47.74
CA TYR A 165 12.30 5.27 46.28
C TYR A 165 12.55 3.89 45.69
N LEU A 166 13.37 3.06 46.36
CA LEU A 166 13.47 1.67 45.96
C LEU A 166 12.16 0.92 46.17
N ALA A 167 11.55 1.09 47.35
CA ALA A 167 10.36 0.36 47.72
C ALA A 167 9.11 0.81 46.96
N VAL A 168 9.15 1.94 46.27
CA VAL A 168 8.08 2.31 45.35
C VAL A 168 8.52 2.29 43.89
N LEU A 169 9.79 2.05 43.60
CA LEU A 169 10.13 1.73 42.23
C LEU A 169 9.82 0.28 41.91
N VAL A 170 9.77 -0.58 42.93
CA VAL A 170 9.43 -1.98 42.67
C VAL A 170 7.96 -2.15 42.23
N PRO A 171 6.90 -1.71 43.01
CA PRO A 171 5.53 -2.08 42.57
C PRO A 171 4.89 -1.12 41.57
N VAL A 172 5.26 0.16 41.65
CA VAL A 172 4.44 1.20 41.04
C VAL A 172 4.71 1.29 39.53
N PHE A 173 5.83 0.74 39.05
CA PHE A 173 6.01 0.67 37.59
C PHE A 173 5.06 -0.34 36.96
N LEU A 174 4.90 -1.52 37.59
CA LEU A 174 3.93 -2.50 37.10
C LEU A 174 2.51 -1.99 37.31
N LEU A 175 2.25 -1.28 38.41
CA LEU A 175 0.94 -0.68 38.63
C LEU A 175 0.68 0.46 37.63
N THR A 176 1.74 1.11 37.16
CA THR A 176 1.62 2.15 36.15
C THR A 176 1.27 1.55 34.79
N ASP A 177 1.95 0.47 34.43
CA ASP A 177 1.64 -0.23 33.19
C ASP A 177 0.35 -1.04 33.27
N TYR A 178 -0.24 -1.20 34.46
CA TYR A 178 -1.44 -2.02 34.64
C TYR A 178 -2.73 -1.21 34.48
N LEU A 179 -2.89 -0.15 35.27
CA LEU A 179 -4.17 0.55 35.38
C LEU A 179 -4.42 1.59 34.29
N ARG A 180 -3.70 1.53 33.17
CA ARG A 180 -3.89 2.38 31.98
C ARG A 180 -3.69 3.86 32.29
N TYR A 181 -2.79 4.13 33.24
CA TYR A 181 -2.05 5.38 33.42
C TYR A 181 -2.86 6.58 33.93
N THR A 182 -4.18 6.49 33.99
CA THR A 182 -4.94 7.61 34.54
C THR A 182 -5.05 7.58 36.08
N PRO A 183 -5.41 6.46 36.74
CA PRO A 183 -5.38 6.48 38.22
C PRO A 183 -3.98 6.55 38.79
N VAL A 184 -2.96 6.21 38.01
CA VAL A 184 -1.59 6.35 38.49
C VAL A 184 -1.17 7.83 38.53
N LEU A 185 -1.56 8.62 37.53
CA LEU A 185 -1.33 10.06 37.59
C LEU A 185 -2.19 10.71 38.65
N LEU A 186 -3.40 10.18 38.89
CA LEU A 186 -4.22 10.67 40.01
C LEU A 186 -3.57 10.36 41.35
N LEU A 187 -2.96 9.17 41.48
CA LEU A 187 -2.24 8.81 42.70
C LEU A 187 -0.99 9.67 42.86
N GLN A 188 -0.36 10.05 41.76
CA GLN A 188 0.79 10.95 41.81
C GLN A 188 0.39 12.34 42.30
N GLY A 189 -0.75 12.86 41.80
CA GLY A 189 -1.23 14.15 42.27
C GLY A 189 -1.62 14.13 43.74
N LEU A 190 -2.29 13.05 44.16
CA LEU A 190 -2.61 12.88 45.58
C LEU A 190 -1.36 12.71 46.43
N SER A 191 -0.30 12.14 45.87
CA SER A 191 0.95 12.00 46.60
C SER A 191 1.63 13.36 46.78
N PHE A 192 1.60 14.21 45.75
CA PHE A 192 2.07 15.60 45.91
C PHE A 192 1.27 16.35 46.96
N VAL A 193 -0.06 16.15 46.97
CA VAL A 193 -0.91 16.75 48.00
C VAL A 193 -0.52 16.26 49.38
N SER A 194 -0.19 14.97 49.51
CA SER A 194 0.25 14.41 50.78
C SER A 194 1.59 14.97 51.21
N VAL A 195 2.50 15.21 50.24
CA VAL A 195 3.81 15.79 50.54
C VAL A 195 3.67 17.18 51.13
N TRP A 196 2.90 18.04 50.46
CA TRP A 196 2.76 19.39 51.01
C TRP A 196 1.85 19.46 52.24
N LEU A 197 0.93 18.50 52.44
CA LEU A 197 0.17 18.50 53.69
C LEU A 197 1.03 18.03 54.86
N LEU A 198 1.92 17.06 54.64
CA LEU A 198 2.85 16.68 55.71
C LEU A 198 3.96 17.70 55.91
N LEU A 199 4.24 18.52 54.89
CA LEU A 199 5.20 19.59 55.06
C LEU A 199 4.59 20.76 55.84
N LEU A 200 3.31 21.04 55.61
CA LEU A 200 2.64 22.10 56.36
C LEU A 200 2.36 21.66 57.80
N LEU A 201 1.69 20.51 57.96
CA LEU A 201 1.27 20.03 59.27
C LEU A 201 2.30 19.11 59.93
N GLY A 202 3.58 19.29 59.61
CA GLY A 202 4.60 18.44 60.20
C GLY A 202 4.88 18.81 61.64
N HIS A 203 5.24 17.80 62.42
CA HIS A 203 5.55 17.97 63.84
C HIS A 203 6.92 17.43 64.20
N SER A 204 7.34 16.32 63.63
CA SER A 204 8.58 15.67 64.03
C SER A 204 9.22 15.03 62.80
N VAL A 205 10.15 14.11 63.02
CA VAL A 205 10.92 13.52 61.94
C VAL A 205 10.09 12.51 61.14
N ALA A 206 9.19 11.77 61.81
CA ALA A 206 8.45 10.70 61.15
C ALA A 206 7.43 11.24 60.14
N HIS A 207 6.87 12.42 60.41
CA HIS A 207 6.01 13.08 59.44
C HIS A 207 6.77 13.42 58.17
N MET A 208 8.01 13.90 58.31
CA MET A 208 8.84 14.18 57.15
C MET A 208 9.32 12.91 56.47
N GLN A 209 9.46 11.80 57.20
CA GLN A 209 9.81 10.53 56.57
C GLN A 209 8.66 10.00 55.72
N LEU A 210 7.42 10.12 56.21
CA LEU A 210 6.26 9.77 55.39
C LEU A 210 6.10 10.72 54.21
N MET A 211 6.47 11.99 54.41
CA MET A 211 6.52 12.97 53.32
C MET A 211 7.52 12.55 52.25
N GLU A 212 8.67 12.03 52.67
CA GLU A 212 9.65 11.58 51.68
C GLU A 212 9.23 10.27 51.01
N LEU A 213 8.43 9.44 51.71
CA LEU A 213 7.81 8.28 51.06
C LEU A 213 6.89 8.70 49.92
N PHE A 214 5.98 9.64 50.19
CA PHE A 214 5.11 10.10 49.12
C PHE A 214 5.86 10.90 48.05
N TYR A 215 6.95 11.58 48.42
CA TYR A 215 7.73 12.30 47.43
C TYR A 215 8.53 11.33 46.56
N SER A 216 8.91 10.19 47.10
CA SER A 216 9.50 9.13 46.30
C SER A 216 8.48 8.51 45.36
N VAL A 217 7.22 8.41 45.79
CA VAL A 217 6.13 8.00 44.89
C VAL A 217 6.00 8.99 43.73
N THR A 218 6.10 10.29 44.03
CA THR A 218 5.99 11.31 42.98
C THR A 218 7.14 11.23 41.98
N MET A 219 8.38 11.10 42.48
CA MET A 219 9.49 11.01 41.55
C MET A 219 9.62 9.64 40.89
N ALA A 220 8.91 8.62 41.39
CA ALA A 220 8.90 7.33 40.71
C ALA A 220 7.81 7.25 39.67
N ALA A 221 6.77 8.08 39.78
CA ALA A 221 5.71 8.12 38.79
C ALA A 221 6.01 9.09 37.64
N ARG A 222 7.28 9.41 37.39
CA ARG A 222 7.64 10.33 36.32
C ARG A 222 7.62 9.69 34.94
N ILE A 223 7.66 8.35 34.86
CA ILE A 223 7.65 7.65 33.58
C ILE A 223 6.22 7.47 33.07
N ALA A 224 5.22 7.82 33.87
CA ALA A 224 3.83 7.57 33.51
C ALA A 224 3.35 8.48 32.39
N TYR A 225 3.92 9.69 32.30
CA TYR A 225 3.37 10.71 31.42
C TYR A 225 3.64 10.41 29.95
N SER A 226 4.88 10.03 29.61
CA SER A 226 5.22 9.74 28.22
C SER A 226 4.54 8.45 27.74
N SER A 227 4.39 7.47 28.63
CA SER A 227 3.66 6.27 28.27
C SER A 227 2.17 6.52 28.14
N TYR A 228 1.63 7.49 28.89
CA TYR A 228 0.25 7.91 28.69
C TYR A 228 0.06 8.60 27.35
N ILE A 229 1.06 9.37 26.92
CA ILE A 229 1.05 9.97 25.58
C ILE A 229 1.08 8.88 24.52
N PHE A 230 1.92 7.86 24.71
CA PHE A 230 2.01 6.78 23.74
C PHE A 230 0.75 5.92 23.70
N SER A 231 0.06 5.80 24.84
CA SER A 231 -1.20 5.05 24.87
C SER A 231 -2.38 5.85 24.36
N LEU A 232 -2.32 7.18 24.40
CA LEU A 232 -3.43 8.01 23.95
C LEU A 232 -3.28 8.37 22.47
N VAL A 233 -2.12 8.90 22.09
CA VAL A 233 -1.90 9.37 20.73
C VAL A 233 -1.63 8.18 19.82
N ARG A 234 -2.17 8.24 18.59
CA ARG A 234 -1.89 7.23 17.58
C ARG A 234 -0.40 7.20 17.24
N PRO A 235 0.13 6.04 16.82
CA PRO A 235 1.60 5.92 16.69
C PRO A 235 2.21 6.72 15.55
N ALA A 236 1.43 7.21 14.60
CA ALA A 236 1.96 8.03 13.52
C ALA A 236 1.83 9.53 13.80
N ARG A 237 1.46 9.90 15.03
CA ARG A 237 1.40 11.29 15.45
C ARG A 237 2.20 11.50 16.74
N TYR A 238 2.91 10.46 17.20
CA TYR A 238 3.54 10.48 18.52
C TYR A 238 4.72 11.44 18.58
N GLN A 239 5.40 11.69 17.46
CA GLN A 239 6.62 12.49 17.48
C GLN A 239 6.33 13.97 17.75
N ARG A 240 5.40 14.56 17.00
CA ARG A 240 5.09 15.98 17.15
C ARG A 240 4.42 16.26 18.49
N VAL A 241 3.44 15.43 18.87
CA VAL A 241 2.72 15.61 20.13
C VAL A 241 3.65 15.37 21.31
N ALA A 242 4.58 14.42 21.19
CA ALA A 242 5.58 14.22 22.24
C ALA A 242 6.53 15.39 22.35
N GLY A 243 6.86 16.02 21.21
CA GLY A 243 7.68 17.23 21.26
C GLY A 243 6.97 18.40 21.93
N TYR A 244 5.70 18.61 21.60
CA TYR A 244 4.91 19.65 22.28
C TYR A 244 4.76 19.36 23.76
N SER A 245 4.63 18.09 24.14
CA SER A 245 4.46 17.75 25.54
C SER A 245 5.75 17.93 26.33
N ARG A 246 6.90 17.57 25.73
CA ARG A 246 8.18 17.79 26.39
C ARG A 246 8.48 19.27 26.53
N ALA A 247 8.11 20.07 25.52
CA ALA A 247 8.24 21.52 25.63
C ALA A 247 7.33 22.08 26.71
N ALA A 248 6.13 21.51 26.86
CA ALA A 248 5.20 21.96 27.89
C ALA A 248 5.71 21.61 29.29
N VAL A 249 6.32 20.42 29.44
CA VAL A 249 6.86 20.02 30.74
C VAL A 249 8.05 20.89 31.13
N LEU A 250 8.95 21.16 30.17
CA LEU A 250 10.10 22.02 30.45
C LEU A 250 9.66 23.46 30.75
N LEU A 251 8.64 23.95 30.02
CA LEU A 251 8.11 25.28 30.27
C LEU A 251 7.43 25.35 31.63
N GLY A 252 6.77 24.25 32.04
CA GLY A 252 6.12 24.23 33.35
C GLY A 252 7.12 24.22 34.49
N VAL A 253 8.21 23.46 34.35
CA VAL A 253 9.25 23.43 35.39
C VAL A 253 9.96 24.79 35.48
N PHE A 254 10.29 25.37 34.32
CA PHE A 254 10.96 26.68 34.32
C PHE A 254 10.06 27.78 34.86
N THR A 255 8.77 27.75 34.50
CA THR A 255 7.82 28.74 35.01
C THR A 255 7.57 28.56 36.50
N SER A 256 7.61 27.31 36.99
CA SER A 256 7.49 27.06 38.42
C SER A 256 8.67 27.64 39.18
N SER A 257 9.88 27.47 38.65
CA SER A 257 11.06 28.01 39.34
C SER A 257 11.10 29.54 39.28
N VAL A 258 10.70 30.12 38.14
CA VAL A 258 10.63 31.57 38.03
C VAL A 258 9.55 32.14 38.96
N LEU A 259 8.43 31.43 39.11
CA LEU A 259 7.40 31.85 40.04
C LEU A 259 7.89 31.76 41.49
N GLY A 260 8.69 30.74 41.79
CA GLY A 260 9.28 30.65 43.12
C GLY A 260 10.23 31.79 43.42
N GLN A 261 11.02 32.21 42.41
CA GLN A 261 11.88 33.38 42.60
C GLN A 261 11.08 34.68 42.72
N LEU A 262 10.00 34.81 41.93
CA LEU A 262 9.19 36.03 42.00
C LEU A 262 8.36 36.12 43.26
N LEU A 263 8.09 34.99 43.93
CA LEU A 263 7.40 35.05 45.21
C LEU A 263 8.37 35.23 46.38
N VAL A 264 9.48 34.48 46.39
CA VAL A 264 10.39 34.53 47.53
C VAL A 264 11.23 35.80 47.51
N THR A 265 11.94 36.04 46.40
CA THR A 265 12.89 37.15 46.36
C THR A 265 12.20 38.48 46.14
N VAL A 266 11.49 38.62 45.02
CA VAL A 266 10.93 39.92 44.64
C VAL A 266 9.65 40.20 45.42
N GLY A 267 8.72 39.24 45.45
CA GLY A 267 7.44 39.47 46.07
C GLY A 267 7.46 39.49 47.59
N ARG A 268 8.52 38.97 48.20
CA ARG A 268 8.72 38.90 49.66
C ARG A 268 7.57 38.14 50.34
N VAL A 269 7.42 36.89 49.95
CA VAL A 269 6.37 36.01 50.46
C VAL A 269 7.01 35.00 51.41
N SER A 270 6.40 34.81 52.57
CA SER A 270 6.89 33.86 53.55
C SER A 270 6.74 32.42 53.06
N PHE A 271 7.44 31.51 53.74
CA PHE A 271 7.48 30.13 53.28
C PHE A 271 6.17 29.38 53.53
N SER A 272 5.44 29.77 54.58
CA SER A 272 4.14 29.16 54.83
C SER A 272 3.12 29.57 53.77
N THR A 273 3.11 30.85 53.40
CA THR A 273 2.25 31.31 52.32
C THR A 273 2.70 30.75 50.97
N LEU A 274 4.01 30.53 50.79
CA LEU A 274 4.52 29.88 49.59
C LEU A 274 4.03 28.44 49.49
N ASN A 275 4.05 27.70 50.60
CA ASN A 275 3.53 26.34 50.58
C ASN A 275 2.02 26.30 50.45
N TYR A 276 1.33 27.35 50.93
CA TYR A 276 -0.12 27.47 50.70
C TYR A 276 -0.43 27.64 49.22
N ILE A 277 0.34 28.50 48.52
CA ILE A 277 0.16 28.70 47.09
C ILE A 277 0.54 27.42 46.33
N SER A 278 1.56 26.72 46.81
CA SER A 278 1.95 25.43 46.20
C SER A 278 0.85 24.39 46.35
N LEU A 279 0.21 24.34 47.52
CA LEU A 279 -0.91 23.42 47.73
C LEU A 279 -2.12 23.80 46.90
N ALA A 280 -2.33 25.10 46.67
CA ALA A 280 -3.41 25.55 45.80
C ALA A 280 -3.18 25.08 44.36
N PHE A 281 -1.96 25.25 43.84
CA PHE A 281 -1.64 24.75 42.51
C PHE A 281 -1.68 23.23 42.43
N LEU A 282 -1.40 22.54 43.53
CA LEU A 282 -1.58 21.08 43.52
C LEU A 282 -3.05 20.69 43.52
N THR A 283 -3.92 21.48 44.15
CA THR A 283 -5.35 21.20 44.04
C THR A 283 -5.85 21.45 42.62
N PHE A 284 -5.32 22.48 41.93
CA PHE A 284 -5.62 22.65 40.51
C PHE A 284 -5.10 21.47 39.69
N SER A 285 -3.93 20.94 40.06
CA SER A 285 -3.38 19.77 39.36
C SER A 285 -4.25 18.53 39.57
N VAL A 286 -4.80 18.36 40.77
CA VAL A 286 -5.67 17.22 41.05
C VAL A 286 -7.01 17.36 40.30
N VAL A 287 -7.55 18.59 40.25
CA VAL A 287 -8.78 18.84 39.51
C VAL A 287 -8.59 18.57 38.02
N LEU A 288 -7.43 18.95 37.48
CA LEU A 288 -7.16 18.67 36.07
C LEU A 288 -6.84 17.19 35.83
N ALA A 289 -6.28 16.50 36.82
CA ALA A 289 -5.98 15.08 36.65
C ALA A 289 -7.22 14.21 36.78
N LEU A 290 -8.27 14.71 37.46
CA LEU A 290 -9.53 13.96 37.51
C LEU A 290 -10.20 13.90 36.15
N PHE A 291 -9.99 14.91 35.30
CA PHE A 291 -10.65 15.00 34.01
C PHE A 291 -9.82 14.40 32.87
N LEU A 292 -9.00 13.41 33.15
CA LEU A 292 -8.21 12.75 32.11
C LEU A 292 -8.91 11.50 31.60
N LYS A 293 -8.90 11.33 30.28
CA LYS A 293 -9.53 10.17 29.67
C LYS A 293 -8.65 8.94 29.86
N ARG A 294 -9.27 7.83 30.26
CA ARG A 294 -8.54 6.58 30.45
C ARG A 294 -8.42 5.83 29.13
N PRO A 295 -7.21 5.58 28.64
CA PRO A 295 -7.05 4.83 27.39
C PRO A 295 -7.21 3.34 27.63
N LYS A 296 -6.97 2.56 26.58
CA LYS A 296 -7.14 1.12 26.63
C LYS A 296 -5.85 0.36 26.35
N ARG A 297 -5.10 0.75 25.32
CA ARG A 297 -3.91 0.01 24.90
C ARG A 297 -2.76 0.31 25.85
N SER A 298 -2.48 -0.64 26.74
CA SER A 298 -1.33 -0.53 27.63
C SER A 298 -0.10 -1.11 26.92
N LEU A 299 0.99 -1.31 27.67
CA LEU A 299 2.23 -1.83 27.12
C LEU A 299 2.46 -3.29 27.48
N PHE A 300 2.49 -3.62 28.76
CA PHE A 300 2.78 -4.98 29.21
C PHE A 300 1.53 -5.77 29.54
N PHE A 301 0.36 -5.31 29.08
CA PHE A 301 -0.87 -6.06 29.28
C PHE A 301 -1.77 -6.06 28.05
N ASN A 302 -1.33 -5.49 26.94
CA ASN A 302 -2.09 -5.51 25.69
C ASN A 302 -1.17 -5.75 24.50
N VAL A 339 4.58 -14.87 24.04
CA VAL A 339 4.64 -13.46 24.43
C VAL A 339 5.99 -13.16 25.07
N LEU A 340 6.28 -13.84 26.18
CA LEU A 340 7.55 -13.63 26.86
C LEU A 340 8.71 -14.25 26.08
N ALA A 341 8.47 -15.40 25.43
CA ALA A 341 9.50 -16.03 24.62
C ALA A 341 9.83 -15.21 23.38
N ARG A 342 8.83 -14.53 22.81
CA ARG A 342 9.08 -13.63 21.69
C ARG A 342 9.92 -12.43 22.11
N MET A 343 9.66 -11.91 23.32
CA MET A 343 10.46 -10.81 23.84
C MET A 343 11.89 -11.24 24.14
N LEU A 344 12.07 -12.46 24.65
CA LEU A 344 13.41 -12.96 24.90
C LEU A 344 14.16 -13.24 23.60
N ARG A 345 13.45 -13.72 22.57
CA ARG A 345 14.07 -13.97 21.28
C ARG A 345 14.47 -12.67 20.59
N GLU A 346 13.64 -11.62 20.71
CA GLU A 346 14.01 -10.33 20.17
C GLU A 346 15.03 -9.59 21.02
N LEU A 347 15.19 -9.98 22.30
CA LEU A 347 16.16 -9.35 23.16
C LEU A 347 17.55 -9.96 23.00
N GLY A 348 17.62 -11.29 22.80
CA GLY A 348 18.88 -11.99 22.73
C GLY A 348 19.68 -11.72 21.46
N ASP A 349 19.10 -11.06 20.47
CA ASP A 349 19.83 -10.72 19.26
C ASP A 349 20.73 -9.50 19.42
N SER A 350 20.63 -8.77 20.53
CA SER A 350 21.44 -7.58 20.72
C SER A 350 22.03 -7.48 22.13
N LEU A 351 22.08 -8.57 22.90
CA LEU A 351 22.66 -8.51 24.24
C LEU A 351 24.17 -8.37 24.19
N ARG A 352 24.82 -9.03 23.23
CA ARG A 352 26.26 -8.93 23.06
C ARG A 352 26.66 -7.79 22.13
N ARG A 353 25.74 -6.91 21.78
CA ARG A 353 26.03 -5.76 20.94
C ARG A 353 26.77 -4.69 21.74
N PRO A 354 27.82 -4.09 21.18
CA PRO A 354 28.49 -2.98 21.86
C PRO A 354 27.63 -1.73 21.88
N GLN A 355 28.09 -0.74 22.65
CA GLN A 355 27.42 0.53 22.93
C GLN A 355 26.03 0.35 23.56
N LEU A 356 25.81 -0.75 24.26
CA LEU A 356 24.57 -0.99 25.00
C LEU A 356 24.80 -1.40 26.44
N ARG A 357 25.86 -2.13 26.73
CA ARG A 357 26.21 -2.53 28.10
C ARG A 357 27.03 -1.47 28.83
N LEU A 358 27.97 -0.84 28.12
CA LEU A 358 28.75 0.25 28.69
C LEU A 358 27.86 1.45 29.03
N TRP A 359 26.92 1.78 28.15
CA TRP A 359 25.99 2.87 28.43
C TRP A 359 25.02 2.50 29.55
N SER A 360 24.69 1.22 29.70
CA SER A 360 23.85 0.80 30.81
C SER A 360 24.57 0.94 32.14
N LEU A 361 25.84 0.52 32.19
CA LEU A 361 26.62 0.67 33.41
C LEU A 361 26.88 2.13 33.74
N TRP A 362 27.09 2.96 32.70
CA TRP A 362 27.22 4.40 32.89
C TRP A 362 25.93 5.01 33.41
N TRP A 363 24.79 4.57 32.89
CA TRP A 363 23.48 5.03 33.34
C TRP A 363 23.29 4.74 34.82
N VAL A 364 23.60 3.50 35.23
CA VAL A 364 23.48 3.09 36.63
C VAL A 364 24.38 3.93 37.52
N PHE A 365 25.68 3.99 37.20
CA PHE A 365 26.65 4.64 38.08
C PHE A 365 26.44 6.15 38.14
N ASN A 366 26.31 6.80 36.98
CA ASN A 366 26.17 8.25 36.96
C ASN A 366 24.78 8.68 37.45
N SER A 367 23.75 7.84 37.30
CA SER A 367 22.46 8.20 37.86
C SER A 367 22.46 8.12 39.37
N ALA A 368 23.12 7.09 39.93
CA ALA A 368 23.26 6.99 41.38
C ALA A 368 24.03 8.18 41.95
N GLY A 369 25.18 8.51 41.33
CA GLY A 369 25.96 9.64 41.80
C GLY A 369 25.27 10.98 41.61
N TYR A 370 24.54 11.14 40.51
CA TYR A 370 23.86 12.40 40.21
C TYR A 370 22.71 12.65 41.17
N TYR A 371 21.90 11.63 41.46
CA TYR A 371 20.82 11.83 42.42
C TYR A 371 21.35 11.96 43.85
N LEU A 372 22.47 11.31 44.18
CA LEU A 372 23.04 11.53 45.51
C LEU A 372 23.71 12.89 45.65
N VAL A 373 24.06 13.56 44.56
CA VAL A 373 24.49 14.95 44.66
C VAL A 373 23.29 15.90 44.72
N VAL A 374 22.23 15.62 43.96
CA VAL A 374 21.06 16.49 43.94
C VAL A 374 20.32 16.45 45.28
N TYR A 375 20.28 15.28 45.93
CA TYR A 375 19.57 15.16 47.20
C TYR A 375 20.28 15.83 48.38
N TYR A 376 21.49 16.35 48.17
CA TYR A 376 22.25 16.97 49.25
C TYR A 376 22.84 18.34 48.90
N VAL A 377 22.69 18.80 47.64
CA VAL A 377 23.20 20.12 47.26
C VAL A 377 22.47 21.24 48.01
N HIS A 378 21.19 21.04 48.35
CA HIS A 378 20.46 22.07 49.07
C HIS A 378 20.88 22.14 50.53
N ILE A 379 21.19 20.98 51.13
CA ILE A 379 21.70 20.95 52.50
C ILE A 379 23.08 21.58 52.55
N LEU A 380 23.91 21.35 51.52
CA LEU A 380 25.21 22.00 51.43
C LEU A 380 25.09 23.51 51.28
N TRP A 381 24.14 23.96 50.47
CA TRP A 381 23.92 25.40 50.28
C TRP A 381 23.36 26.06 51.54
N ASN A 382 22.52 25.35 52.29
CA ASN A 382 22.03 25.91 53.54
C ASN A 382 23.11 25.88 54.63
N GLU A 383 24.09 24.97 54.52
CA GLU A 383 25.19 24.98 55.47
C GLU A 383 26.15 26.13 55.20
N VAL A 384 26.53 26.32 53.92
CA VAL A 384 27.52 27.33 53.59
C VAL A 384 26.94 28.74 53.78
N ASP A 385 25.66 28.92 53.46
CA ASP A 385 24.96 30.20 53.62
C ASP A 385 23.77 30.00 54.56
N PRO A 386 23.99 30.03 55.90
CA PRO A 386 22.89 29.86 56.86
C PRO A 386 22.22 31.17 57.26
N THR A 387 21.80 31.94 56.26
CA THR A 387 21.20 33.24 56.52
C THR A 387 19.76 33.10 56.98
N THR A 388 19.36 33.93 57.94
CA THR A 388 17.98 33.93 58.40
C THR A 388 17.03 34.64 57.44
N ASN A 389 17.57 35.41 56.50
CA ASN A 389 16.75 36.09 55.51
C ASN A 389 16.21 35.06 54.52
N SER A 390 14.88 35.08 54.32
CA SER A 390 14.27 34.16 53.38
C SER A 390 14.57 34.54 51.93
N ALA A 391 14.75 35.83 51.65
CA ALA A 391 15.06 36.28 50.31
C ALA A 391 16.48 35.99 49.89
N ARG A 392 17.37 35.72 50.85
CA ARG A 392 18.76 35.40 50.54
C ARG A 392 18.90 33.98 49.98
N VAL A 393 17.90 33.12 50.20
CA VAL A 393 17.92 31.78 49.62
C VAL A 393 17.62 31.87 48.13
N TYR A 394 18.51 31.33 47.31
CA TYR A 394 18.32 31.35 45.86
C TYR A 394 18.30 29.94 45.28
N ASN A 395 17.53 29.04 45.89
CA ASN A 395 17.36 27.70 45.31
C ASN A 395 16.55 27.76 44.02
N GLY A 396 15.59 28.67 43.94
CA GLY A 396 14.76 28.78 42.75
C GLY A 396 15.51 29.30 41.53
N ALA A 397 16.46 30.21 41.74
CA ALA A 397 17.23 30.73 40.61
C ALA A 397 18.16 29.66 40.05
N ALA A 398 18.78 28.88 40.94
CA ALA A 398 19.60 27.76 40.49
C ALA A 398 18.76 26.67 39.85
N ASP A 399 17.51 26.49 40.31
CA ASP A 399 16.62 25.50 39.68
C ASP A 399 16.21 25.95 38.28
N ALA A 400 15.93 27.25 38.11
CA ALA A 400 15.57 27.78 36.79
C ALA A 400 16.75 27.72 35.83
N ALA A 401 17.95 28.06 36.31
CA ALA A 401 19.14 27.97 35.48
C ALA A 401 19.48 26.52 35.13
N SER A 402 19.20 25.60 36.06
CA SER A 402 19.43 24.18 35.80
C SER A 402 18.46 23.66 34.74
N THR A 403 17.19 24.06 34.83
CA THR A 403 16.20 23.64 33.83
C THR A 403 16.51 24.23 32.45
N LEU A 404 16.95 25.49 32.42
CA LEU A 404 17.29 26.14 31.15
C LEU A 404 18.52 25.50 30.51
N LEU A 405 19.58 25.27 31.30
CA LEU A 405 20.78 24.67 30.75
C LEU A 405 20.56 23.20 30.40
N GLY A 406 19.66 22.52 31.12
CA GLY A 406 19.31 21.16 30.74
C GLY A 406 18.53 21.09 29.45
N ALA A 407 17.63 22.05 29.23
CA ALA A 407 16.93 22.12 27.95
C ALA A 407 17.86 22.47 26.80
N ILE A 408 18.87 23.32 27.05
CA ILE A 408 19.84 23.67 26.01
C ILE A 408 20.72 22.47 25.68
N THR A 409 21.25 21.80 26.70
CA THR A 409 22.10 20.63 26.44
C THR A 409 21.31 19.40 25.99
N SER A 410 19.99 19.39 26.18
CA SER A 410 19.18 18.33 25.60
C SER A 410 18.84 18.63 24.15
N PHE A 411 18.68 19.93 23.82
CA PHE A 411 18.53 20.30 22.42
C PHE A 411 19.84 20.14 21.65
N ALA A 412 20.97 20.28 22.34
CA ALA A 412 22.29 20.10 21.74
C ALA A 412 22.83 18.69 21.93
N ALA A 413 21.95 17.70 22.10
CA ALA A 413 22.36 16.32 22.27
C ALA A 413 22.07 15.44 21.06
N GLY A 414 20.92 15.63 20.40
CA GLY A 414 20.63 14.87 19.19
C GLY A 414 21.45 15.30 17.99
N PHE A 415 22.04 16.49 18.04
CA PHE A 415 22.89 16.99 16.97
C PHE A 415 24.31 16.47 17.05
N VAL A 416 24.64 15.67 18.06
CA VAL A 416 26.00 15.15 18.24
C VAL A 416 26.20 13.98 17.30
N LYS A 417 26.79 14.24 16.14
CA LYS A 417 27.09 13.20 15.15
C LYS A 417 28.51 12.68 15.29
N ILE A 418 28.87 12.24 16.50
CA ILE A 418 30.19 11.68 16.79
C ILE A 418 30.08 10.17 16.78
N ARG A 419 30.95 9.51 16.01
CA ARG A 419 30.98 8.05 15.98
C ARG A 419 31.47 7.51 17.32
N TRP A 420 30.98 6.32 17.66
CA TRP A 420 31.18 5.75 18.99
C TRP A 420 32.06 4.51 18.98
N ALA A 421 32.89 4.33 17.95
CA ALA A 421 33.79 3.18 17.91
C ALA A 421 35.04 3.41 18.73
N ARG A 422 35.54 4.65 18.80
CA ARG A 422 36.75 4.95 19.55
C ARG A 422 36.50 6.12 20.50
N TRP A 423 35.58 7.00 20.13
CA TRP A 423 35.30 8.22 20.90
C TRP A 423 34.29 8.00 22.02
N SER A 424 34.00 6.74 22.38
CA SER A 424 33.03 6.47 23.42
C SER A 424 33.58 6.76 24.81
N LYS A 425 34.62 6.01 25.21
CA LYS A 425 35.11 6.09 26.58
C LYS A 425 35.90 7.37 26.85
N LEU A 426 36.43 8.01 25.82
CA LEU A 426 37.14 9.28 26.01
C LEU A 426 36.17 10.40 26.37
N LEU A 427 35.03 10.48 25.67
CA LEU A 427 34.05 11.51 25.97
C LEU A 427 33.38 11.27 27.32
N ILE A 428 33.10 10.00 27.65
CA ILE A 428 32.52 9.66 28.94
C ILE A 428 33.52 9.96 30.06
N ALA A 429 34.81 9.69 29.81
CA ALA A 429 35.85 10.01 30.79
C ALA A 429 35.98 11.51 30.99
N GLY A 430 35.84 12.29 29.93
CA GLY A 430 35.88 13.74 30.07
C GLY A 430 34.68 14.30 30.81
N VAL A 431 33.50 13.75 30.55
CA VAL A 431 32.29 14.19 31.25
C VAL A 431 32.35 13.82 32.73
N THR A 432 32.81 12.61 33.06
CA THR A 432 32.97 12.23 34.46
C THR A 432 34.09 12.99 35.14
N ALA A 433 35.13 13.40 34.40
CA ALA A 433 36.16 14.24 34.99
C ALA A 433 35.63 15.63 35.28
N THR A 434 34.78 16.17 34.40
CA THR A 434 34.15 17.46 34.66
C THR A 434 33.21 17.37 35.86
N GLN A 435 32.47 16.26 35.98
CA GLN A 435 31.59 16.06 37.12
C GLN A 435 32.37 15.94 38.42
N ALA A 436 33.49 15.20 38.41
CA ALA A 436 34.34 15.10 39.59
C ALA A 436 34.97 16.44 39.95
N GLY A 437 35.34 17.24 38.95
CA GLY A 437 35.89 18.56 39.23
C GLY A 437 34.85 19.50 39.83
N LEU A 438 33.61 19.44 39.35
CA LEU A 438 32.57 20.30 39.92
C LEU A 438 32.14 19.86 41.31
N VAL A 439 32.09 18.54 41.56
CA VAL A 439 31.76 18.06 42.90
C VAL A 439 32.89 18.39 43.88
N PHE A 440 34.15 18.29 43.43
CA PHE A 440 35.27 18.69 44.28
C PHE A 440 35.31 20.21 44.48
N LEU A 441 34.81 20.98 43.51
CA LEU A 441 34.68 22.41 43.68
C LEU A 441 33.60 22.76 44.70
N LEU A 442 32.52 21.97 44.74
CA LEU A 442 31.49 22.21 45.74
C LEU A 442 31.91 21.74 47.12
N ALA A 443 32.85 20.79 47.18
CA ALA A 443 33.17 20.14 48.45
C ALA A 443 34.24 20.85 49.26
N HIS A 444 34.70 22.03 48.85
CA HIS A 444 35.70 22.75 49.62
C HIS A 444 35.30 24.17 49.98
N THR A 445 34.20 24.69 49.43
CA THR A 445 33.80 26.06 49.67
C THR A 445 33.14 26.17 51.04
N ARG A 446 33.83 26.82 51.98
CA ARG A 446 33.29 27.09 53.31
C ARG A 446 33.09 28.56 53.60
N HIS A 447 33.61 29.45 52.76
CA HIS A 447 33.38 30.88 52.92
C HIS A 447 31.94 31.19 52.51
N PRO A 448 31.24 32.05 53.25
CA PRO A 448 29.83 32.32 52.91
C PRO A 448 29.66 33.10 51.61
N SER A 449 30.42 34.18 51.42
CA SER A 449 30.23 35.11 50.31
C SER A 449 30.59 34.51 48.94
N SER A 450 31.16 33.31 48.89
CA SER A 450 31.43 32.62 47.64
C SER A 450 30.30 31.68 47.25
N ILE A 451 29.16 31.70 47.96
CA ILE A 451 28.07 30.78 47.68
C ILE A 451 27.44 31.07 46.30
N TRP A 452 27.53 32.32 45.83
CA TRP A 452 27.17 32.66 44.47
C TRP A 452 28.00 31.87 43.47
N LEU A 453 29.32 31.80 43.72
CA LEU A 453 30.25 31.00 42.95
C LEU A 453 29.94 29.50 43.03
N CYS A 454 29.19 29.07 44.04
CA CYS A 454 28.69 27.70 44.06
C CYS A 454 27.55 27.49 43.08
N TYR A 455 26.58 28.43 43.07
CA TYR A 455 25.24 28.18 42.52
C TYR A 455 25.27 27.81 41.05
N ALA A 456 25.72 28.74 40.20
CA ALA A 456 25.87 28.48 38.78
C ALA A 456 26.86 27.36 38.49
N ALA A 457 27.84 27.15 39.38
CA ALA A 457 28.76 26.02 39.23
C ALA A 457 28.01 24.70 39.29
N PHE A 458 27.08 24.57 40.24
CA PHE A 458 26.25 23.38 40.28
C PHE A 458 25.32 23.30 39.10
N VAL A 459 24.94 24.45 38.53
CA VAL A 459 24.15 24.47 37.30
C VAL A 459 24.95 23.84 36.17
N LEU A 460 26.28 24.07 36.16
CA LEU A 460 27.15 23.39 35.21
C LEU A 460 27.14 21.89 35.43
N PHE A 461 27.09 21.46 36.70
CA PHE A 461 26.90 20.04 36.99
C PHE A 461 25.55 19.56 36.51
N ARG A 462 24.52 20.42 36.67
CA ARG A 462 23.21 20.14 36.10
C ARG A 462 23.23 20.11 34.59
N GLY A 463 24.20 20.77 33.96
CA GLY A 463 24.40 20.58 32.53
C GLY A 463 25.08 19.26 32.23
N SER A 464 26.06 18.88 33.07
CA SER A 464 26.99 17.80 32.75
C SER A 464 26.34 16.44 32.70
N TYR A 465 25.16 16.27 33.29
CA TYR A 465 24.38 15.06 33.11
C TYR A 465 23.41 15.21 31.95
N GLN A 466 22.77 16.38 31.83
CA GLN A 466 21.72 16.59 30.83
C GLN A 466 22.26 16.69 29.41
N PHE A 467 23.58 16.83 29.24
CA PHE A 467 24.16 16.74 27.91
C PHE A 467 24.10 15.31 27.38
N LEU A 468 24.08 14.31 28.28
CA LEU A 468 24.13 12.92 27.86
C LEU A 468 22.89 12.13 28.27
N VAL A 469 21.77 12.80 28.50
CA VAL A 469 20.50 12.10 28.74
C VAL A 469 19.86 11.63 27.44
N PRO A 470 19.71 12.43 26.37
CA PRO A 470 19.17 11.83 25.13
C PRO A 470 20.16 10.93 24.42
N ILE A 471 21.46 11.23 24.52
CA ILE A 471 22.48 10.47 23.80
C ILE A 471 22.56 9.05 24.34
N ALA A 472 22.52 8.90 25.66
CA ALA A 472 22.38 7.58 26.27
C ALA A 472 21.05 6.92 25.92
N THR A 473 20.02 7.71 25.64
CA THR A 473 18.81 7.16 25.04
C THR A 473 19.07 6.75 23.59
N PHE A 474 19.80 7.58 22.85
CA PHE A 474 19.98 7.38 21.41
C PHE A 474 20.83 6.14 21.11
N GLN A 475 21.68 5.75 22.04
CA GLN A 475 22.48 4.53 21.88
C GLN A 475 21.84 3.33 22.56
N ILE A 476 20.62 3.46 23.09
CA ILE A 476 19.92 2.32 23.68
C ILE A 476 18.58 2.14 23.00
N ALA A 477 17.79 3.21 22.92
CA ALA A 477 16.42 3.12 22.40
C ALA A 477 16.36 2.90 20.90
N SER A 478 17.44 3.16 20.17
CA SER A 478 17.46 2.98 18.72
C SER A 478 17.93 1.59 18.30
N SER A 479 17.80 0.59 19.16
CA SER A 479 18.28 -0.75 18.87
C SER A 479 17.25 -1.84 19.08
N LEU A 480 16.28 -1.66 19.97
CA LEU A 480 15.32 -2.68 20.32
C LEU A 480 13.90 -2.19 20.06
N SER A 481 12.94 -3.08 20.30
CA SER A 481 11.53 -2.71 20.19
C SER A 481 11.12 -1.89 21.40
N LYS A 482 9.90 -1.34 21.32
CA LYS A 482 9.44 -0.38 22.33
C LYS A 482 9.16 -1.05 23.67
N GLU A 483 8.62 -2.27 23.64
CA GLU A 483 8.46 -3.05 24.87
C GLU A 483 9.82 -3.40 25.46
N LEU A 484 10.76 -3.82 24.62
CA LEU A 484 12.12 -4.08 25.07
C LEU A 484 12.82 -2.81 25.50
N CYS A 485 12.50 -1.67 24.86
CA CYS A 485 13.05 -0.39 25.29
C CYS A 485 12.60 -0.03 26.70
N ALA A 486 11.30 -0.15 26.97
CA ALA A 486 10.77 0.13 28.29
C ALA A 486 11.31 -0.85 29.33
N LEU A 487 11.50 -2.11 28.94
CA LEU A 487 12.05 -3.11 29.86
C LEU A 487 13.50 -2.82 30.19
N VAL A 488 14.31 -2.47 29.18
CA VAL A 488 15.74 -2.21 29.40
C VAL A 488 15.93 -0.94 30.23
N PHE A 489 15.18 0.12 29.94
CA PHE A 489 15.29 1.32 30.77
C PHE A 489 14.74 1.11 32.18
N GLY A 490 13.72 0.25 32.34
CA GLY A 490 13.25 -0.07 33.68
C GLY A 490 14.27 -0.85 34.49
N VAL A 491 14.93 -1.81 33.85
CA VAL A 491 15.98 -2.60 34.52
C VAL A 491 17.18 -1.73 34.86
N ASN A 492 17.54 -0.79 33.97
CA ASN A 492 18.66 0.11 34.23
C ASN A 492 18.34 1.06 35.37
N THR A 493 17.13 1.63 35.40
CA THR A 493 16.74 2.50 36.50
C THR A 493 16.62 1.72 37.81
N PHE A 494 16.19 0.45 37.74
CA PHE A 494 16.08 -0.38 38.93
C PHE A 494 17.44 -0.68 39.54
N PHE A 495 18.42 -1.07 38.71
CA PHE A 495 19.76 -1.31 39.25
C PHE A 495 20.48 -0.03 39.63
N ALA A 496 20.14 1.10 38.98
CA ALA A 496 20.66 2.39 39.43
C ALA A 496 20.16 2.72 40.83
N THR A 497 18.88 2.43 41.09
CA THR A 497 18.31 2.63 42.41
C THR A 497 18.90 1.65 43.43
N ILE A 498 19.22 0.43 42.99
CA ILE A 498 19.90 -0.54 43.88
C ILE A 498 21.26 -0.01 44.31
N VAL A 499 22.05 0.48 43.35
CA VAL A 499 23.39 1.00 43.66
C VAL A 499 23.29 2.26 44.52
N LYS A 500 22.31 3.13 44.24
CA LYS A 500 22.11 4.32 45.05
C LYS A 500 21.67 3.97 46.48
N THR A 501 20.86 2.93 46.62
CA THR A 501 20.42 2.48 47.94
C THR A 501 21.57 1.86 48.72
N ILE A 502 22.46 1.13 48.03
CA ILE A 502 23.63 0.55 48.70
C ILE A 502 24.59 1.65 49.16
N ILE A 503 24.82 2.66 48.33
CA ILE A 503 25.71 3.76 48.72
C ILE A 503 25.06 4.60 49.83
N THR A 504 23.74 4.73 49.84
CA THR A 504 23.06 5.44 50.92
C THR A 504 23.14 4.64 52.23
N PHE A 505 23.04 3.31 52.15
CA PHE A 505 23.20 2.45 53.32
C PHE A 505 24.62 2.50 53.87
N ILE A 506 25.61 2.64 52.99
CA ILE A 506 26.99 2.75 53.47
C ILE A 506 27.24 4.11 54.10
N VAL A 507 26.90 5.19 53.40
CA VAL A 507 27.35 6.52 53.78
C VAL A 507 26.48 7.10 54.89
N SER A 508 25.18 7.25 54.64
CA SER A 508 24.29 8.00 55.52
C SER A 508 23.52 7.11 56.48
N ASP A 509 24.14 6.03 56.96
CA ASP A 509 23.49 5.15 57.93
C ASP A 509 23.46 5.82 59.30
N VAL A 510 22.34 5.70 59.99
CA VAL A 510 22.23 6.25 61.33
C VAL A 510 22.95 5.38 62.35
N ARG A 511 23.23 4.12 62.02
CA ARG A 511 23.98 3.22 62.89
C ARG A 511 25.34 2.86 62.34
N GLY A 512 25.68 3.28 61.14
CA GLY A 512 26.97 2.97 60.54
C GLY A 512 27.94 4.12 60.63
N LEU A 513 28.12 4.85 59.53
CA LEU A 513 29.03 5.99 59.53
C LEU A 513 28.40 7.22 60.16
N GLY A 514 27.30 7.70 59.58
CA GLY A 514 26.67 8.93 60.06
C GLY A 514 27.50 10.17 59.79
N LEU A 515 27.99 10.32 58.57
CA LEU A 515 28.92 11.39 58.23
C LEU A 515 28.16 12.69 57.93
N PRO A 516 28.76 13.83 58.25
CA PRO A 516 28.16 15.11 57.82
C PRO A 516 28.30 15.29 56.31
N VAL A 517 27.53 16.24 55.79
CA VAL A 517 27.34 16.34 54.34
C VAL A 517 28.59 16.87 53.64
N ARG A 518 29.50 17.53 54.35
CA ARG A 518 30.78 17.93 53.78
C ARG A 518 31.63 16.72 53.40
N LYS A 519 31.80 15.80 54.35
CA LYS A 519 32.52 14.55 54.06
C LYS A 519 31.73 13.65 53.13
N GLN A 520 30.41 13.79 53.08
CA GLN A 520 29.60 13.08 52.09
C GLN A 520 29.92 13.54 50.68
N PHE A 521 29.98 14.86 50.46
CA PHE A 521 30.39 15.37 49.15
C PHE A 521 31.86 15.06 48.85
N GLN A 522 32.71 14.98 49.88
CA GLN A 522 34.09 14.56 49.66
C GLN A 522 34.17 13.11 49.18
N LEU A 523 33.42 12.21 49.82
CA LEU A 523 33.42 10.82 49.39
C LEU A 523 32.73 10.64 48.05
N TYR A 524 31.75 11.49 47.73
CA TYR A 524 31.14 11.46 46.42
C TYR A 524 32.12 11.93 45.34
N SER A 525 32.95 12.94 45.67
CA SER A 525 34.02 13.36 44.76
C SER A 525 35.05 12.25 44.57
N VAL A 526 35.33 11.49 45.63
CA VAL A 526 36.19 10.32 45.51
C VAL A 526 35.56 9.27 44.60
N TYR A 527 34.24 9.10 44.70
CA TYR A 527 33.54 8.11 43.86
C TYR A 527 33.55 8.52 42.38
N PHE A 528 33.29 9.80 42.10
CA PHE A 528 33.39 10.29 40.73
C PHE A 528 34.83 10.27 40.22
N LEU A 529 35.81 10.43 41.12
CA LEU A 529 37.21 10.32 40.71
C LEU A 529 37.57 8.88 40.36
N ILE A 530 37.04 7.91 41.11
CA ILE A 530 37.25 6.50 40.80
C ILE A 530 36.59 6.15 39.46
N LEU A 531 35.40 6.71 39.21
CA LEU A 531 34.74 6.51 37.92
C LEU A 531 35.55 7.13 36.78
N SER A 532 36.14 8.31 37.02
CA SER A 532 36.98 8.94 36.01
C SER A 532 38.23 8.13 35.73
N ILE A 533 38.81 7.52 36.76
CA ILE A 533 39.97 6.65 36.58
C ILE A 533 39.59 5.39 35.80
N ILE A 534 38.41 4.84 36.06
CA ILE A 534 37.95 3.65 35.35
C ILE A 534 37.71 3.95 33.87
N TYR A 535 37.04 5.07 33.56
CA TYR A 535 36.81 5.39 32.16
C TYR A 535 38.06 5.90 31.45
N PHE A 536 39.02 6.46 32.19
CA PHE A 536 40.30 6.83 31.56
C PHE A 536 41.16 5.61 31.29
N LEU A 537 41.07 4.59 32.15
CA LEU A 537 41.79 3.34 31.89
C LEU A 537 41.12 2.56 30.76
N GLY A 538 39.80 2.69 30.64
CA GLY A 538 39.11 2.09 29.50
C GLY A 538 39.38 2.80 28.20
N ALA A 539 39.53 4.13 28.24
CA ALA A 539 39.82 4.88 27.03
C ALA A 539 41.28 4.73 26.63
N MET A 540 42.20 5.14 27.50
CA MET A 540 43.62 5.04 27.22
C MET A 540 44.42 4.76 28.50
N GLU B 23 -40.23 -6.81 -15.86
CA GLU B 23 -38.89 -6.42 -15.48
C GLU B 23 -38.51 -5.07 -16.10
N VAL B 24 -37.49 -4.44 -15.54
CA VAL B 24 -36.99 -3.15 -16.04
C VAL B 24 -35.76 -3.41 -16.89
N GLN B 25 -35.64 -2.68 -17.99
CA GLN B 25 -34.50 -2.85 -18.88
C GLN B 25 -34.28 -1.60 -19.71
N LEU B 26 -33.23 -1.64 -20.53
CA LEU B 26 -32.80 -0.54 -21.38
C LEU B 26 -32.80 -0.99 -22.83
N VAL B 27 -32.88 -0.03 -23.75
CA VAL B 27 -32.74 -0.30 -25.17
C VAL B 27 -32.12 0.92 -25.84
N GLU B 28 -31.31 0.68 -26.87
CA GLU B 28 -30.59 1.72 -27.57
C GLU B 28 -30.94 1.69 -29.05
N SER B 29 -31.10 2.86 -29.65
CA SER B 29 -31.46 2.96 -31.05
C SER B 29 -30.79 4.20 -31.66
N GLY B 30 -30.81 4.27 -32.97
CA GLY B 30 -30.27 5.40 -33.69
C GLY B 30 -28.83 5.28 -34.15
N GLY B 31 -28.25 4.09 -34.07
CA GLY B 31 -26.86 3.89 -34.46
C GLY B 31 -26.72 3.29 -35.84
N GLY B 32 -25.64 3.67 -36.53
CA GLY B 32 -25.38 3.19 -37.86
C GLY B 32 -24.02 3.65 -38.37
N LEU B 33 -23.97 4.08 -39.62
CA LEU B 33 -22.74 4.59 -40.22
C LEU B 33 -22.89 6.08 -40.49
N VAL B 34 -21.83 6.84 -40.21
CA VAL B 34 -21.78 8.27 -40.46
C VAL B 34 -20.48 8.58 -41.19
N GLN B 35 -20.26 9.85 -41.45
CA GLN B 35 -19.08 10.43 -42.04
C GLN B 35 -18.29 11.20 -40.99
N PRO B 36 -16.97 11.32 -41.13
CA PRO B 36 -16.21 12.15 -40.19
C PRO B 36 -16.53 13.64 -40.36
N GLY B 37 -16.95 14.27 -39.27
CA GLY B 37 -17.45 15.61 -39.30
C GLY B 37 -18.96 15.72 -39.42
N GLY B 38 -19.67 14.61 -39.46
CA GLY B 38 -21.12 14.60 -39.54
C GLY B 38 -21.77 14.67 -38.18
N SER B 39 -23.01 14.20 -38.12
CA SER B 39 -23.78 14.26 -36.89
C SER B 39 -24.61 12.99 -36.75
N LEU B 40 -24.89 12.62 -35.51
CA LEU B 40 -25.66 11.43 -35.20
C LEU B 40 -26.25 11.55 -33.80
N ARG B 41 -27.53 11.23 -33.66
CA ARG B 41 -28.21 11.25 -32.38
C ARG B 41 -28.60 9.84 -31.98
N LEU B 42 -28.37 9.51 -30.71
CA LEU B 42 -28.65 8.19 -30.17
C LEU B 42 -29.74 8.28 -29.12
N SER B 43 -30.64 7.30 -29.13
CA SER B 43 -31.77 7.24 -28.20
C SER B 43 -31.55 6.10 -27.23
N CYS B 44 -31.70 6.38 -25.94
CA CYS B 44 -31.63 5.39 -24.87
C CYS B 44 -32.96 5.39 -24.16
N ALA B 45 -33.76 4.36 -24.38
CA ALA B 45 -35.09 4.27 -23.80
C ALA B 45 -35.09 3.26 -22.67
N ALA B 46 -35.58 3.68 -21.51
CA ALA B 46 -35.65 2.85 -20.31
C ALA B 46 -37.08 2.39 -20.12
N SER B 47 -37.32 1.09 -20.29
CA SER B 47 -38.64 0.53 -20.07
C SER B 47 -38.73 0.01 -18.64
N GLY B 48 -39.80 0.39 -17.95
CA GLY B 48 -39.92 0.11 -16.54
C GLY B 48 -39.75 1.35 -15.68
N PHE B 49 -38.57 1.51 -15.10
CA PHE B 49 -38.28 2.64 -14.22
C PHE B 49 -38.26 3.96 -15.00
N ASN B 50 -38.27 5.06 -14.25
CA ASN B 50 -38.18 6.40 -14.81
C ASN B 50 -36.75 6.93 -14.67
N VAL B 51 -36.43 7.93 -15.49
CA VAL B 51 -35.08 8.50 -15.49
C VAL B 51 -34.88 9.53 -14.39
N VAL B 52 -35.94 9.94 -13.69
CA VAL B 52 -35.78 10.86 -12.56
C VAL B 52 -35.43 10.14 -11.27
N ASP B 53 -35.51 8.80 -11.25
CA ASP B 53 -35.17 8.02 -10.07
C ASP B 53 -33.83 7.32 -10.22
N PHE B 54 -33.27 7.25 -11.43
CA PHE B 54 -31.97 6.65 -11.68
C PHE B 54 -31.27 7.42 -12.78
N SER B 55 -29.98 7.71 -12.59
CA SER B 55 -29.22 8.44 -13.59
C SER B 55 -28.71 7.50 -14.67
N LEU B 56 -28.41 8.07 -15.84
CA LEU B 56 -28.02 7.30 -17.01
C LEU B 56 -26.59 7.65 -17.41
N HIS B 57 -25.88 6.67 -17.96
CA HIS B 57 -24.47 6.75 -18.27
C HIS B 57 -24.20 6.15 -19.64
N TRP B 58 -23.13 6.62 -20.29
CA TRP B 58 -22.71 6.11 -21.59
C TRP B 58 -21.31 5.55 -21.50
N VAL B 59 -21.12 4.33 -22.00
CA VAL B 59 -19.85 3.62 -21.93
C VAL B 59 -19.43 3.21 -23.34
N ARG B 60 -18.23 3.60 -23.74
CA ARG B 60 -17.67 3.31 -25.04
C ARG B 60 -16.82 2.04 -24.97
N GLN B 61 -16.98 1.17 -25.97
CA GLN B 61 -16.13 -0.02 -26.12
C GLN B 61 -15.65 -0.08 -27.57
N ALA B 62 -14.37 0.21 -27.78
CA ALA B 62 -13.78 0.06 -29.10
C ALA B 62 -13.67 -1.42 -29.43
N PRO B 63 -13.81 -1.80 -30.73
CA PRO B 63 -13.69 -3.21 -31.10
C PRO B 63 -12.27 -3.74 -30.95
N GLY B 64 -12.06 -4.61 -29.95
CA GLY B 64 -10.77 -5.12 -29.60
C GLY B 64 -10.22 -4.53 -28.31
N LYS B 65 -10.62 -3.31 -27.97
CA LYS B 65 -10.16 -2.66 -26.75
C LYS B 65 -11.14 -2.95 -25.61
N GLY B 66 -11.00 -2.23 -24.49
CA GLY B 66 -11.85 -2.42 -23.34
C GLY B 66 -12.88 -1.31 -23.18
N LEU B 67 -13.58 -1.36 -22.05
CA LEU B 67 -14.62 -0.38 -21.78
C LEU B 67 -14.01 0.95 -21.36
N GLU B 68 -14.72 2.03 -21.69
CA GLU B 68 -14.32 3.38 -21.28
C GLU B 68 -15.56 4.27 -21.26
N TRP B 69 -15.49 5.30 -20.41
CA TRP B 69 -16.64 6.13 -20.08
C TRP B 69 -16.75 7.33 -21.00
N VAL B 70 -17.99 7.76 -21.26
CA VAL B 70 -18.23 8.91 -22.13
C VAL B 70 -18.85 10.07 -21.34
N ALA B 71 -20.07 9.87 -20.83
CA ALA B 71 -20.84 10.94 -20.23
C ALA B 71 -21.95 10.37 -19.38
N TYR B 72 -22.72 11.26 -18.76
CA TYR B 72 -23.87 10.86 -17.96
C TYR B 72 -24.91 11.98 -17.97
N ILE B 73 -26.06 11.66 -17.40
CA ILE B 73 -27.08 12.67 -17.09
C ILE B 73 -27.90 12.21 -15.89
N SER B 74 -28.21 13.15 -15.01
CA SER B 74 -29.14 12.96 -13.91
C SER B 74 -30.33 13.87 -14.17
N SER B 75 -31.49 13.26 -14.44
CA SER B 75 -32.67 14.02 -14.87
C SER B 75 -33.33 14.78 -13.73
N SER B 76 -32.94 14.54 -12.48
CA SER B 76 -33.53 15.25 -11.35
C SER B 76 -33.07 16.71 -11.31
N SER B 77 -31.76 16.93 -11.25
CA SER B 77 -31.18 18.27 -11.21
C SER B 77 -30.51 18.65 -12.51
N GLY B 78 -29.57 17.83 -12.98
CA GLY B 78 -28.82 18.12 -14.19
C GLY B 78 -27.43 18.62 -13.87
N SER B 79 -26.45 17.73 -13.92
CA SER B 79 -25.06 18.06 -13.60
C SER B 79 -24.14 17.37 -14.60
N THR B 80 -24.46 17.48 -15.88
CA THR B 80 -23.84 16.69 -16.94
C THR B 80 -22.37 17.02 -17.11
N SER B 81 -21.50 16.09 -16.72
CA SER B 81 -20.07 16.21 -16.93
C SER B 81 -19.61 15.13 -17.89
N TYR B 82 -18.57 15.44 -18.67
CA TYR B 82 -18.15 14.63 -19.81
C TYR B 82 -16.80 14.02 -19.53
N ALA B 83 -16.39 13.11 -20.41
CA ALA B 83 -15.03 12.60 -20.38
C ALA B 83 -14.06 13.61 -20.98
N ASP B 84 -12.77 13.35 -20.80
CA ASP B 84 -11.75 14.28 -21.31
C ASP B 84 -11.61 14.19 -22.82
N SER B 85 -12.02 13.08 -23.43
CA SER B 85 -11.90 12.91 -24.87
C SER B 85 -13.14 13.38 -25.62
N VAL B 86 -14.27 13.58 -24.93
CA VAL B 86 -15.51 13.99 -25.56
C VAL B 86 -16.01 15.33 -25.03
N LYS B 87 -15.18 16.05 -24.28
CA LYS B 87 -15.60 17.32 -23.69
C LYS B 87 -15.69 18.40 -24.75
N GLY B 88 -16.82 19.12 -24.76
CA GLY B 88 -17.03 20.18 -25.73
C GLY B 88 -17.31 19.72 -27.14
N ARG B 89 -17.59 18.43 -27.33
CA ARG B 89 -17.86 17.93 -28.68
C ARG B 89 -19.19 17.20 -28.73
N PHE B 90 -19.54 16.47 -27.67
CA PHE B 90 -20.80 15.76 -27.60
C PHE B 90 -21.73 16.46 -26.64
N THR B 91 -23.02 16.12 -26.68
CA THR B 91 -23.97 16.67 -25.73
C THR B 91 -25.04 15.64 -25.41
N ILE B 92 -25.69 15.83 -24.26
CA ILE B 92 -26.64 14.86 -23.71
C ILE B 92 -27.86 15.61 -23.19
N SER B 93 -29.04 15.01 -23.36
CA SER B 93 -30.28 15.62 -22.90
C SER B 93 -31.31 14.53 -22.65
N ALA B 94 -31.85 14.46 -21.44
CA ALA B 94 -32.79 13.43 -21.07
C ALA B 94 -34.18 14.02 -20.88
N ASP B 95 -35.18 13.34 -21.42
CA ASP B 95 -36.57 13.73 -21.28
C ASP B 95 -37.31 12.70 -20.45
N THR B 96 -37.95 13.15 -19.38
CA THR B 96 -38.67 12.25 -18.48
C THR B 96 -40.10 11.98 -18.91
N SER B 97 -40.65 12.79 -19.82
CA SER B 97 -41.99 12.52 -20.33
C SER B 97 -41.96 11.35 -21.30
N LYS B 98 -41.00 11.35 -22.22
CA LYS B 98 -40.80 10.21 -23.12
C LYS B 98 -40.01 9.09 -22.47
N ASN B 99 -39.43 9.34 -21.28
CA ASN B 99 -38.64 8.38 -20.50
C ASN B 99 -37.45 7.87 -21.31
N THR B 100 -36.61 8.82 -21.74
CA THR B 100 -35.49 8.48 -22.60
C THR B 100 -34.39 9.51 -22.44
N ALA B 101 -33.24 9.21 -23.06
CA ALA B 101 -32.10 10.11 -23.07
C ALA B 101 -31.48 10.14 -24.45
N TYR B 102 -31.24 11.33 -24.97
CA TYR B 102 -30.65 11.53 -26.30
C TYR B 102 -29.21 11.96 -26.14
N LEU B 103 -28.32 11.31 -26.89
CA LEU B 103 -26.91 11.64 -26.96
C LEU B 103 -26.62 12.15 -28.36
N GLN B 104 -26.41 13.45 -28.50
CA GLN B 104 -26.15 14.06 -29.80
C GLN B 104 -24.64 14.23 -29.99
N MET B 105 -24.16 13.84 -31.17
CA MET B 105 -22.74 13.86 -31.50
C MET B 105 -22.57 14.60 -32.81
N ASN B 106 -21.72 15.62 -32.81
CA ASN B 106 -21.34 16.28 -34.05
C ASN B 106 -19.83 16.44 -34.11
N SER B 107 -19.32 16.54 -35.34
CA SER B 107 -17.89 16.53 -35.68
C SER B 107 -17.20 15.28 -35.10
N LEU B 108 -17.65 14.13 -35.57
CA LEU B 108 -17.16 12.85 -35.07
C LEU B 108 -15.78 12.54 -35.65
N ARG B 109 -14.86 12.14 -34.78
CA ARG B 109 -13.55 11.71 -35.24
C ARG B 109 -13.56 10.22 -35.60
N ALA B 110 -12.47 9.76 -36.19
CA ALA B 110 -12.36 8.37 -36.63
C ALA B 110 -12.12 7.41 -35.46
N GLU B 111 -11.72 7.92 -34.30
CA GLU B 111 -11.48 7.08 -33.13
C GLU B 111 -12.77 6.59 -32.50
N ASP B 112 -13.90 7.26 -32.75
CA ASP B 112 -15.17 6.96 -32.10
C ASP B 112 -15.92 5.78 -32.72
N THR B 113 -15.29 5.03 -33.62
CA THR B 113 -15.88 3.79 -34.13
C THR B 113 -15.90 2.76 -33.01
N ALA B 114 -17.07 2.52 -32.42
CA ALA B 114 -17.16 1.74 -31.20
C ALA B 114 -18.61 1.32 -30.96
N VAL B 115 -18.78 0.51 -29.91
CA VAL B 115 -20.10 0.11 -29.42
C VAL B 115 -20.40 0.94 -28.18
N TYR B 116 -21.53 1.62 -28.18
CA TYR B 116 -21.94 2.45 -27.05
C TYR B 116 -23.02 1.73 -26.25
N TYR B 117 -22.77 1.58 -24.95
CA TYR B 117 -23.74 1.03 -24.01
C TYR B 117 -24.32 2.15 -23.16
N CYS B 118 -25.61 2.07 -22.90
CA CYS B 118 -26.31 3.02 -22.06
C CYS B 118 -26.73 2.31 -20.79
N ALA B 119 -26.12 2.68 -19.66
CA ALA B 119 -26.27 1.96 -18.41
C ALA B 119 -27.00 2.81 -17.37
N ARG B 120 -27.62 2.11 -16.42
CA ARG B 120 -28.35 2.71 -15.32
C ARG B 120 -27.47 2.73 -14.09
N TRP B 121 -27.58 3.79 -13.28
CA TRP B 121 -26.89 3.82 -12.01
C TRP B 121 -27.66 4.72 -11.05
N GLY B 122 -27.75 4.29 -9.80
CA GLY B 122 -28.65 4.93 -8.85
C GLY B 122 -28.09 6.21 -8.25
N TYR B 123 -28.96 6.88 -7.49
CA TYR B 123 -28.61 8.12 -6.82
C TYR B 123 -28.15 7.85 -5.39
N TRP B 124 -27.18 8.65 -4.96
CA TRP B 124 -26.94 8.82 -3.53
C TRP B 124 -28.15 9.53 -2.92
N PRO B 125 -28.61 9.13 -1.72
CA PRO B 125 -28.14 8.11 -0.78
C PRO B 125 -28.65 6.70 -1.01
N GLY B 126 -28.13 5.78 -0.22
CA GLY B 126 -28.75 4.48 -0.05
C GLY B 126 -28.03 3.33 -0.73
N GLU B 127 -28.70 2.20 -0.72
CA GLU B 127 -28.20 1.00 -1.39
C GLU B 127 -28.11 1.08 -2.92
N PRO B 128 -29.04 1.69 -3.69
CA PRO B 128 -28.82 1.75 -5.15
C PRO B 128 -27.65 2.60 -5.63
N TRP B 129 -26.99 3.38 -4.76
CA TRP B 129 -25.73 3.96 -5.18
C TRP B 129 -24.59 2.95 -5.12
N TRP B 130 -24.56 2.15 -4.04
CA TRP B 130 -23.49 1.16 -3.89
C TRP B 130 -23.60 0.05 -4.91
N LYS B 131 -24.81 -0.22 -5.39
CA LYS B 131 -24.96 -1.08 -6.55
C LYS B 131 -24.43 -0.35 -7.78
N ALA B 132 -23.62 -1.05 -8.57
CA ALA B 132 -22.99 -0.50 -9.76
C ALA B 132 -23.97 -0.49 -10.94
N PHE B 133 -23.44 -0.39 -12.16
CA PHE B 133 -24.28 -0.43 -13.35
C PHE B 133 -24.87 -1.82 -13.48
N ASP B 134 -26.06 -2.02 -12.91
CA ASP B 134 -26.62 -3.36 -12.74
C ASP B 134 -27.32 -3.88 -14.00
N TYR B 135 -28.15 -3.06 -14.63
CA TYR B 135 -28.86 -3.45 -15.85
C TYR B 135 -28.30 -2.65 -17.01
N TRP B 136 -27.25 -3.19 -17.64
CA TRP B 136 -26.70 -2.65 -18.86
C TRP B 136 -27.70 -2.82 -20.01
N GLY B 137 -27.51 -2.01 -21.05
CA GLY B 137 -28.31 -2.13 -22.25
C GLY B 137 -27.63 -2.99 -23.28
N GLN B 138 -28.33 -3.22 -24.39
CA GLN B 138 -27.80 -4.06 -25.46
C GLN B 138 -26.67 -3.35 -26.20
N GLY B 139 -26.71 -2.02 -26.27
CA GLY B 139 -25.64 -1.26 -26.88
C GLY B 139 -25.75 -1.17 -28.38
N THR B 140 -25.60 0.02 -28.93
CA THR B 140 -25.63 0.22 -30.37
C THR B 140 -24.20 0.31 -30.91
N LEU B 141 -24.07 0.18 -32.23
CA LEU B 141 -22.78 0.21 -32.89
C LEU B 141 -22.71 1.44 -33.79
N VAL B 142 -21.69 2.26 -33.59
CA VAL B 142 -21.46 3.44 -34.41
C VAL B 142 -20.08 3.30 -35.05
N THR B 143 -19.96 3.77 -36.30
CA THR B 143 -18.72 3.68 -37.04
C THR B 143 -18.50 4.98 -37.80
N VAL B 144 -17.24 5.40 -37.90
CA VAL B 144 -16.85 6.60 -38.62
C VAL B 144 -15.86 6.19 -39.70
N SER B 145 -16.27 6.31 -40.96
CA SER B 145 -15.42 5.91 -42.08
C SER B 145 -15.70 6.81 -43.27
N SER B 146 -14.67 7.02 -44.09
CA SER B 146 -14.80 7.83 -45.29
C SER B 146 -15.13 7.01 -46.52
N ALA B 147 -14.86 5.70 -46.49
CA ALA B 147 -15.12 4.85 -47.64
C ALA B 147 -16.61 4.57 -47.77
N SER B 148 -17.03 4.28 -49.00
CA SER B 148 -18.41 4.00 -49.32
C SER B 148 -18.62 2.49 -49.42
N THR B 149 -19.86 2.09 -49.71
CA THR B 149 -20.20 0.67 -49.77
C THR B 149 -19.82 0.08 -51.12
N LYS B 150 -19.23 -1.11 -51.09
CA LYS B 150 -18.88 -1.83 -52.30
C LYS B 150 -18.83 -3.31 -52.00
N GLY B 151 -18.80 -4.12 -53.05
CA GLY B 151 -18.80 -5.56 -52.92
C GLY B 151 -17.43 -6.14 -52.67
N PRO B 152 -17.37 -7.26 -51.96
CA PRO B 152 -16.07 -7.89 -51.67
C PRO B 152 -15.51 -8.60 -52.90
N SER B 153 -14.28 -8.25 -53.24
CA SER B 153 -13.55 -9.00 -54.27
C SER B 153 -12.99 -10.27 -53.65
N VAL B 154 -13.25 -11.41 -54.29
CA VAL B 154 -12.95 -12.72 -53.76
C VAL B 154 -11.80 -13.32 -54.58
N PHE B 155 -10.80 -13.87 -53.89
CA PHE B 155 -9.67 -14.47 -54.57
C PHE B 155 -9.36 -15.83 -53.96
N PRO B 156 -9.03 -16.82 -54.78
CA PRO B 156 -8.77 -18.16 -54.25
C PRO B 156 -7.38 -18.28 -53.64
N LEU B 157 -7.20 -19.32 -52.84
CA LEU B 157 -5.92 -19.62 -52.19
C LEU B 157 -5.70 -21.13 -52.32
N ALA B 158 -4.87 -21.51 -53.32
CA ALA B 158 -4.55 -22.86 -53.74
C ALA B 158 -3.56 -23.51 -52.77
N PRO B 159 -3.67 -24.83 -52.56
CA PRO B 159 -2.82 -25.47 -51.54
C PRO B 159 -1.36 -25.66 -51.96
N SER B 160 -1.04 -25.45 -53.25
CA SER B 160 0.30 -25.65 -53.82
C SER B 160 0.78 -27.09 -53.58
N SER B 161 0.08 -28.02 -54.21
CA SER B 161 0.26 -29.45 -53.98
C SER B 161 1.52 -30.03 -54.61
N LYS B 162 2.37 -29.22 -55.23
CA LYS B 162 3.65 -29.71 -55.74
C LYS B 162 4.63 -30.04 -54.62
N SER B 163 4.44 -29.45 -53.44
CA SER B 163 5.28 -29.73 -52.29
C SER B 163 4.39 -29.82 -51.05
N THR B 164 5.00 -30.33 -49.96
CA THR B 164 4.35 -30.56 -48.66
C THR B 164 3.09 -31.42 -48.81
N SER B 165 3.23 -32.54 -49.50
CA SER B 165 2.13 -33.47 -49.73
C SER B 165 2.24 -34.66 -48.78
N GLY B 166 1.30 -35.59 -48.91
CA GLY B 166 1.27 -36.77 -48.07
C GLY B 166 0.31 -36.64 -46.91
N GLY B 167 0.27 -35.46 -46.29
CA GLY B 167 -0.62 -35.22 -45.18
C GLY B 167 -1.79 -34.33 -45.55
N THR B 168 -2.28 -33.55 -44.58
CA THR B 168 -3.38 -32.64 -44.84
C THR B 168 -2.87 -31.36 -45.50
N ALA B 169 -3.80 -30.66 -46.16
CA ALA B 169 -3.51 -29.38 -46.79
C ALA B 169 -4.62 -28.40 -46.46
N ALA B 170 -4.43 -27.15 -46.85
CA ALA B 170 -5.40 -26.11 -46.58
C ALA B 170 -5.79 -25.41 -47.87
N LEU B 171 -7.00 -24.88 -47.89
CA LEU B 171 -7.60 -24.32 -49.10
C LEU B 171 -8.44 -23.12 -48.69
N GLY B 172 -8.17 -21.95 -49.27
CA GLY B 172 -8.67 -20.72 -48.70
C GLY B 172 -9.33 -19.79 -49.68
N CYS B 173 -10.04 -18.81 -49.12
CA CYS B 173 -10.64 -17.69 -49.85
C CYS B 173 -10.27 -16.40 -49.15
N LEU B 174 -9.74 -15.44 -49.91
CA LEU B 174 -9.38 -14.12 -49.40
C LEU B 174 -10.36 -13.12 -49.99
N VAL B 175 -11.21 -12.55 -49.14
CA VAL B 175 -12.12 -11.49 -49.56
C VAL B 175 -11.55 -10.16 -49.10
N LYS B 176 -11.66 -9.14 -49.95
CA LYS B 176 -11.10 -7.85 -49.59
C LYS B 176 -11.86 -6.74 -50.29
N ASP B 177 -11.63 -5.51 -49.80
CA ASP B 177 -12.21 -4.27 -50.33
C ASP B 177 -13.74 -4.31 -50.29
N TYR B 178 -14.27 -4.38 -49.07
CA TYR B 178 -15.71 -4.35 -48.85
C TYR B 178 -16.03 -3.44 -47.67
N PHE B 179 -17.27 -2.93 -47.67
CA PHE B 179 -17.76 -2.02 -46.65
C PHE B 179 -19.27 -2.06 -46.74
N PRO B 180 -20.01 -2.09 -45.60
CA PRO B 180 -19.58 -2.11 -44.20
C PRO B 180 -19.13 -3.48 -43.69
N GLU B 181 -19.21 -3.64 -42.36
CA GLU B 181 -18.61 -4.78 -41.68
C GLU B 181 -19.17 -6.15 -42.06
N PRO B 182 -20.48 -6.44 -41.94
CA PRO B 182 -20.87 -7.87 -41.93
C PRO B 182 -20.82 -8.52 -43.30
N VAL B 183 -20.17 -9.68 -43.36
CA VAL B 183 -20.09 -10.53 -44.54
C VAL B 183 -19.95 -11.96 -44.05
N THR B 184 -20.53 -12.91 -44.80
CA THR B 184 -20.44 -14.31 -44.42
C THR B 184 -19.77 -15.11 -45.53
N VAL B 185 -18.96 -16.09 -45.14
CA VAL B 185 -18.26 -16.96 -46.07
C VAL B 185 -18.64 -18.39 -45.74
N SER B 186 -19.18 -19.12 -46.72
CA SER B 186 -19.57 -20.51 -46.57
C SER B 186 -18.84 -21.36 -47.60
N TRP B 187 -18.70 -22.64 -47.26
CA TRP B 187 -17.95 -23.60 -48.07
C TRP B 187 -18.93 -24.68 -48.55
N ASN B 188 -19.00 -24.84 -49.88
CA ASN B 188 -19.87 -25.81 -50.56
C ASN B 188 -21.34 -25.61 -50.20
N SER B 189 -21.75 -24.34 -50.09
CA SER B 189 -23.12 -23.91 -49.75
C SER B 189 -23.61 -24.52 -48.44
N GLY B 190 -22.70 -24.63 -47.47
CA GLY B 190 -23.03 -25.16 -46.16
C GLY B 190 -22.77 -26.65 -45.98
N ALA B 191 -22.16 -27.31 -46.98
CA ALA B 191 -21.89 -28.73 -46.85
C ALA B 191 -20.63 -28.98 -46.03
N LEU B 192 -19.49 -28.48 -46.50
CA LEU B 192 -18.21 -28.66 -45.81
C LEU B 192 -18.16 -27.64 -44.67
N THR B 193 -18.49 -28.10 -43.47
CA THR B 193 -18.50 -27.24 -42.29
C THR B 193 -17.65 -27.74 -41.14
N SER B 194 -16.95 -28.86 -41.32
CA SER B 194 -16.09 -29.43 -40.28
C SER B 194 -14.63 -29.12 -40.66
N GLY B 195 -14.14 -27.99 -40.17
CA GLY B 195 -12.79 -27.57 -40.47
C GLY B 195 -12.71 -26.14 -40.97
N VAL B 196 -13.81 -25.41 -40.85
CA VAL B 196 -13.90 -24.04 -41.33
C VAL B 196 -13.39 -23.10 -40.23
N HIS B 197 -12.42 -22.25 -40.60
CA HIS B 197 -11.93 -21.20 -39.71
C HIS B 197 -12.16 -19.86 -40.38
N THR B 198 -13.13 -19.10 -39.88
CA THR B 198 -13.46 -17.78 -40.39
C THR B 198 -12.86 -16.73 -39.48
N PHE B 199 -11.91 -15.96 -39.99
CA PHE B 199 -11.20 -14.97 -39.21
C PHE B 199 -12.01 -13.68 -39.11
N PRO B 200 -11.84 -12.92 -38.04
CA PRO B 200 -12.52 -11.62 -37.93
C PRO B 200 -12.01 -10.63 -38.96
N ALA B 201 -12.87 -9.68 -39.30
CA ALA B 201 -12.55 -8.68 -40.31
C ALA B 201 -11.54 -7.68 -39.76
N VAL B 202 -10.35 -7.66 -40.33
CA VAL B 202 -9.31 -6.73 -39.91
C VAL B 202 -9.41 -5.48 -40.80
N LEU B 203 -9.16 -4.31 -40.20
CA LEU B 203 -9.35 -3.03 -40.87
C LEU B 203 -8.11 -2.70 -41.68
N GLN B 204 -8.26 -2.67 -43.00
CA GLN B 204 -7.16 -2.28 -43.88
C GLN B 204 -6.95 -0.78 -43.79
N SER B 205 -5.70 -0.35 -44.00
CA SER B 205 -5.33 1.06 -43.82
C SER B 205 -5.93 1.96 -44.89
N SER B 206 -6.44 1.41 -46.00
CA SER B 206 -7.09 2.20 -47.03
C SER B 206 -8.58 2.45 -46.74
N GLY B 207 -9.05 2.10 -45.55
CA GLY B 207 -10.41 2.32 -45.15
C GLY B 207 -11.33 1.12 -45.32
N LEU B 208 -10.98 0.20 -46.22
CA LEU B 208 -11.83 -0.95 -46.49
C LEU B 208 -11.49 -2.09 -45.53
N TYR B 209 -12.16 -3.23 -45.71
CA TYR B 209 -11.94 -4.39 -44.87
C TYR B 209 -11.41 -5.56 -45.70
N SER B 210 -10.68 -6.45 -45.02
CA SER B 210 -10.11 -7.64 -45.63
C SER B 210 -10.28 -8.80 -44.66
N LEU B 211 -10.79 -9.93 -45.17
CA LEU B 211 -11.06 -11.11 -44.36
C LEU B 211 -10.54 -12.34 -45.07
N SER B 212 -10.16 -13.34 -44.29
CA SER B 212 -9.65 -14.61 -44.80
C SER B 212 -10.50 -15.76 -44.26
N SER B 213 -10.63 -16.80 -45.07
CA SER B 213 -11.26 -18.04 -44.63
C SER B 213 -10.47 -19.19 -45.22
N VAL B 214 -10.47 -20.33 -44.52
CA VAL B 214 -9.64 -21.45 -44.93
C VAL B 214 -10.27 -22.73 -44.36
N VAL B 215 -10.12 -23.83 -45.10
CA VAL B 215 -10.55 -25.15 -44.65
C VAL B 215 -9.37 -26.11 -44.78
N THR B 216 -9.49 -27.23 -44.09
CA THR B 216 -8.49 -28.30 -44.11
C THR B 216 -9.02 -29.46 -44.94
N VAL B 217 -8.31 -29.78 -46.01
CA VAL B 217 -8.71 -30.84 -46.94
C VAL B 217 -7.58 -31.88 -46.99
N PRO B 218 -7.89 -33.17 -46.85
CA PRO B 218 -6.86 -34.20 -47.06
C PRO B 218 -6.41 -34.25 -48.51
N SER B 219 -5.15 -34.64 -48.72
CA SER B 219 -4.55 -34.62 -50.04
C SER B 219 -5.11 -35.69 -50.97
N SER B 220 -5.72 -36.75 -50.43
CA SER B 220 -6.25 -37.81 -51.27
C SER B 220 -7.53 -37.36 -51.99
N SER B 221 -8.36 -36.57 -51.33
CA SER B 221 -9.59 -36.05 -51.92
C SER B 221 -9.42 -34.67 -52.53
N LEU B 222 -8.23 -34.07 -52.40
CA LEU B 222 -8.00 -32.70 -52.85
C LEU B 222 -8.07 -32.60 -54.36
N GLY B 223 -7.72 -33.66 -55.08
CA GLY B 223 -7.91 -33.73 -56.51
C GLY B 223 -9.19 -34.40 -56.94
N THR B 224 -10.10 -34.71 -56.01
CA THR B 224 -11.34 -35.41 -56.33
C THR B 224 -12.57 -34.54 -56.11
N GLN B 225 -12.75 -34.01 -54.91
CA GLN B 225 -13.92 -33.20 -54.61
C GLN B 225 -13.69 -31.76 -55.04
N THR B 226 -14.58 -31.24 -55.87
CA THR B 226 -14.49 -29.84 -56.31
C THR B 226 -15.05 -28.95 -55.22
N TYR B 227 -14.22 -28.05 -54.71
CA TYR B 227 -14.61 -27.15 -53.62
C TYR B 227 -14.99 -25.79 -54.19
N ILE B 228 -16.19 -25.34 -53.84
CA ILE B 228 -16.64 -23.99 -54.15
C ILE B 228 -16.66 -23.18 -52.87
N CYS B 229 -16.89 -21.88 -53.02
CA CYS B 229 -16.68 -20.91 -51.94
C CYS B 229 -17.64 -19.78 -52.18
N ASN B 230 -18.66 -19.64 -51.34
CA ASN B 230 -19.76 -18.71 -51.56
C ASN B 230 -19.74 -17.64 -50.49
N VAL B 231 -19.69 -16.38 -50.90
CA VAL B 231 -19.73 -15.27 -49.97
C VAL B 231 -21.10 -14.60 -50.08
N ASN B 232 -21.50 -13.94 -48.99
CA ASN B 232 -22.78 -13.24 -48.92
C ASN B 232 -22.54 -11.92 -48.19
N HIS B 233 -22.72 -10.81 -48.91
CA HIS B 233 -22.63 -9.47 -48.37
C HIS B 233 -24.04 -8.89 -48.43
N LYS B 234 -24.63 -8.62 -47.28
CA LYS B 234 -26.04 -8.23 -47.21
C LYS B 234 -26.33 -6.79 -47.61
N PRO B 235 -25.55 -5.73 -47.21
CA PRO B 235 -25.83 -4.39 -47.75
C PRO B 235 -25.57 -4.27 -49.25
N SER B 236 -24.34 -4.59 -49.68
CA SER B 236 -24.00 -4.61 -51.10
C SER B 236 -24.32 -6.02 -51.60
N ASN B 237 -25.53 -6.20 -52.13
CA ASN B 237 -26.11 -7.52 -52.37
C ASN B 237 -25.43 -8.17 -53.58
N THR B 238 -24.28 -8.76 -53.32
CA THR B 238 -23.57 -9.58 -54.29
C THR B 238 -23.33 -10.96 -53.68
N LYS B 239 -23.33 -11.98 -54.55
CA LYS B 239 -23.13 -13.37 -54.13
C LYS B 239 -22.09 -13.98 -55.06
N VAL B 240 -20.82 -13.81 -54.70
CA VAL B 240 -19.72 -14.32 -55.50
C VAL B 240 -19.41 -15.74 -55.04
N ASP B 241 -19.68 -16.71 -55.92
CA ASP B 241 -19.45 -18.12 -55.64
C ASP B 241 -18.35 -18.58 -56.57
N LYS B 242 -17.14 -18.71 -56.05
CA LYS B 242 -15.98 -19.10 -56.85
C LYS B 242 -15.60 -20.54 -56.56
N LYS B 243 -14.62 -21.02 -57.32
CA LYS B 243 -14.06 -22.35 -57.15
C LYS B 243 -12.64 -22.24 -56.64
N VAL B 244 -12.24 -23.18 -55.78
CA VAL B 244 -10.89 -23.19 -55.24
C VAL B 244 -10.25 -24.54 -55.57
N GLU B 245 -9.10 -24.48 -56.26
CA GLU B 245 -8.43 -25.65 -56.81
C GLU B 245 -6.94 -25.34 -56.92
N PRO B 246 -6.07 -26.34 -56.88
CA PRO B 246 -4.63 -26.08 -56.99
C PRO B 246 -4.24 -25.75 -58.43
N LYS B 247 -2.98 -25.37 -58.60
CA LYS B 247 -2.45 -25.00 -59.91
C LYS B 247 -2.02 -26.24 -60.68
N GLN C 25 26.13 -13.91 -23.89
CA GLN C 25 27.17 -14.31 -22.96
C GLN C 25 26.59 -15.14 -21.81
N VAL C 26 25.26 -15.28 -21.82
CA VAL C 26 24.58 -16.03 -20.77
C VAL C 26 24.75 -17.53 -21.03
N GLN C 27 24.54 -18.33 -19.97
CA GLN C 27 24.66 -19.77 -20.12
C GLN C 27 23.70 -20.47 -19.18
N LEU C 28 23.37 -21.71 -19.56
CA LEU C 28 22.46 -22.58 -18.83
C LEU C 28 23.22 -23.79 -18.33
N GLN C 29 22.91 -24.23 -17.11
CA GLN C 29 23.53 -25.40 -16.51
C GLN C 29 22.41 -26.35 -16.08
N GLU C 30 22.33 -27.50 -16.74
CA GLU C 30 21.35 -28.51 -16.39
C GLU C 30 22.03 -29.68 -15.67
N SER C 31 21.22 -30.47 -14.98
CA SER C 31 21.71 -31.62 -14.24
C SER C 31 20.74 -32.78 -14.44
N GLY C 32 20.90 -33.82 -13.65
CA GLY C 32 20.04 -34.99 -13.72
C GLY C 32 20.70 -36.16 -14.40
N GLY C 33 19.87 -37.13 -14.78
CA GLY C 33 20.31 -38.31 -15.49
C GLY C 33 20.28 -39.55 -14.62
N GLY C 34 20.47 -40.68 -15.28
CA GLY C 34 20.52 -41.96 -14.59
C GLY C 34 19.61 -43.02 -15.18
N LEU C 35 20.11 -44.25 -15.26
CA LEU C 35 19.32 -45.39 -15.70
C LEU C 35 18.22 -45.70 -14.70
N VAL C 36 16.97 -45.55 -15.10
CA VAL C 36 15.85 -45.67 -14.17
C VAL C 36 14.95 -46.84 -14.59
N GLN C 37 14.21 -47.36 -13.62
CA GLN C 37 13.23 -48.39 -13.90
C GLN C 37 11.97 -47.76 -14.52
N PRO C 38 11.23 -48.51 -15.33
CA PRO C 38 9.96 -47.98 -15.86
C PRO C 38 8.92 -47.80 -14.77
N GLY C 39 8.53 -46.54 -14.54
CA GLY C 39 7.61 -46.20 -13.49
C GLY C 39 8.21 -45.45 -12.31
N GLY C 40 9.45 -45.01 -12.42
CA GLY C 40 10.13 -44.32 -11.33
C GLY C 40 9.92 -42.82 -11.38
N SER C 41 10.75 -42.13 -10.59
CA SER C 41 10.70 -40.68 -10.50
C SER C 41 12.11 -40.11 -10.64
N LEU C 42 12.16 -38.83 -11.00
CA LEU C 42 13.44 -38.16 -11.23
C LEU C 42 13.22 -36.66 -11.07
N ARG C 43 14.31 -35.94 -10.81
CA ARG C 43 14.26 -34.49 -10.68
C ARG C 43 15.30 -33.87 -11.60
N LEU C 44 14.86 -33.36 -12.75
CA LEU C 44 15.72 -32.58 -13.62
C LEU C 44 15.82 -31.16 -13.08
N SER C 45 16.97 -30.53 -13.28
CA SER C 45 17.19 -29.18 -12.79
C SER C 45 17.91 -28.37 -13.85
N CYS C 46 17.52 -27.10 -13.99
CA CYS C 46 18.17 -26.18 -14.93
C CYS C 46 18.31 -24.82 -14.27
N ALA C 47 19.54 -24.41 -14.01
CA ALA C 47 19.84 -23.08 -13.52
C ALA C 47 20.46 -22.25 -14.65
N ALA C 48 20.50 -20.94 -14.44
CA ALA C 48 21.02 -20.02 -15.43
C ALA C 48 21.96 -19.04 -14.78
N SER C 49 22.96 -18.59 -15.54
CA SER C 49 23.87 -17.55 -15.07
C SER C 49 24.21 -16.62 -16.23
N GLY C 50 24.17 -15.31 -15.95
CA GLY C 50 24.44 -14.30 -16.96
C GLY C 50 23.39 -13.21 -17.00
N ARG C 51 22.15 -13.54 -16.65
CA ARG C 51 21.04 -12.60 -16.73
C ARG C 51 19.96 -13.05 -15.76
N THR C 52 19.25 -12.08 -15.18
CA THR C 52 18.13 -12.39 -14.30
C THR C 52 17.00 -13.06 -15.08
N ILE C 53 16.20 -13.85 -14.35
CA ILE C 53 15.22 -14.73 -14.96
C ILE C 53 13.78 -14.28 -14.72
N SER C 54 13.53 -13.52 -13.66
CA SER C 54 12.17 -13.21 -13.21
C SER C 54 11.36 -12.34 -14.17
N ARG C 55 11.98 -11.79 -15.22
CA ARG C 55 11.26 -11.10 -16.28
C ARG C 55 11.25 -11.91 -17.59
N TYR C 56 11.60 -13.20 -17.52
CA TYR C 56 11.61 -14.05 -18.70
C TYR C 56 10.82 -15.33 -18.46
N ALA C 57 10.83 -16.23 -19.44
CA ALA C 57 10.17 -17.53 -19.35
C ALA C 57 11.15 -18.62 -19.74
N MET C 58 10.94 -19.83 -19.23
CA MET C 58 11.83 -20.93 -19.55
C MET C 58 11.04 -22.13 -20.05
N SER C 59 11.75 -23.08 -20.67
CA SER C 59 11.06 -24.18 -21.33
C SER C 59 11.94 -25.42 -21.34
N TRP C 60 11.28 -26.57 -21.55
CA TRP C 60 11.93 -27.87 -21.63
C TRP C 60 11.51 -28.54 -22.93
N PHE C 61 12.51 -28.99 -23.68
CA PHE C 61 12.35 -29.70 -24.96
C PHE C 61 12.86 -31.12 -24.83
N ARG C 62 12.58 -31.93 -25.86
CA ARG C 62 12.92 -33.34 -25.87
C ARG C 62 13.46 -33.74 -27.24
N GLN C 63 14.51 -34.56 -27.25
CA GLN C 63 15.04 -35.14 -28.48
C GLN C 63 15.28 -36.62 -28.26
N ALA C 64 14.54 -37.46 -28.98
CA ALA C 64 14.66 -38.90 -28.87
C ALA C 64 15.51 -39.45 -30.01
N PRO C 65 16.21 -40.58 -29.80
CA PRO C 65 16.96 -41.19 -30.91
C PRO C 65 16.03 -41.80 -31.96
N GLY C 66 15.94 -41.16 -33.11
CA GLY C 66 15.01 -41.56 -34.15
C GLY C 66 14.16 -40.40 -34.63
N LYS C 67 13.89 -39.46 -33.74
CA LYS C 67 13.15 -38.25 -34.03
C LYS C 67 14.03 -37.05 -33.68
N GLU C 68 13.44 -35.85 -33.72
CA GLU C 68 14.19 -34.64 -33.40
C GLU C 68 13.27 -33.54 -32.92
N ARG C 69 13.72 -32.84 -31.87
CA ARG C 69 13.25 -31.50 -31.48
C ARG C 69 11.76 -31.48 -31.14
N GLU C 70 11.40 -32.20 -30.08
CA GLU C 70 10.02 -32.22 -29.61
C GLU C 70 9.85 -31.21 -28.47
N PHE C 71 8.69 -31.22 -27.83
CA PHE C 71 8.33 -30.28 -26.78
C PHE C 71 7.91 -31.03 -25.53
N VAL C 72 8.32 -30.52 -24.37
CA VAL C 72 7.85 -31.02 -23.09
C VAL C 72 6.98 -29.99 -22.36
N ALA C 73 7.57 -28.84 -22.01
CA ALA C 73 6.86 -27.94 -21.11
C ALA C 73 7.40 -26.52 -21.22
N VAL C 74 6.68 -25.59 -20.61
CA VAL C 74 7.10 -24.19 -20.55
C VAL C 74 6.51 -23.56 -19.28
N ALA C 75 7.35 -22.82 -18.57
CA ALA C 75 6.96 -22.04 -17.40
C ALA C 75 7.11 -20.56 -17.71
N ARG C 76 6.02 -19.81 -17.56
CA ARG C 76 5.97 -18.43 -18.05
C ARG C 76 6.55 -17.44 -17.04
N ARG C 77 5.88 -17.27 -15.90
CA ARG C 77 6.21 -16.24 -14.94
C ARG C 77 5.86 -16.74 -13.55
N SER C 78 5.80 -15.81 -12.58
CA SER C 78 5.41 -16.14 -11.22
C SER C 78 3.91 -15.95 -10.98
N GLY C 79 3.19 -15.40 -11.94
CA GLY C 79 1.76 -15.17 -11.77
C GLY C 79 0.92 -15.97 -12.75
N ASP C 80 1.57 -16.71 -13.64
CA ASP C 80 0.91 -17.56 -14.62
C ASP C 80 1.20 -19.02 -14.30
N GLY C 81 0.70 -19.92 -15.16
CA GLY C 81 0.86 -21.34 -14.97
C GLY C 81 1.83 -21.96 -15.96
N ALA C 82 2.02 -23.26 -15.78
CA ALA C 82 2.90 -24.06 -16.62
C ALA C 82 2.08 -24.76 -17.70
N PHE C 83 2.59 -24.78 -18.92
CA PHE C 83 1.90 -25.36 -20.06
C PHE C 83 2.70 -26.56 -20.58
N TYR C 84 2.01 -27.67 -20.77
CA TYR C 84 2.63 -28.96 -21.03
C TYR C 84 2.42 -29.37 -22.49
N ALA C 85 2.83 -30.59 -22.82
CA ALA C 85 2.68 -31.14 -24.15
C ALA C 85 1.58 -32.20 -24.17
N ASP C 86 1.43 -32.88 -25.31
CA ASP C 86 0.34 -33.82 -25.48
C ASP C 86 0.56 -35.10 -24.68
N SER C 87 1.82 -35.53 -24.55
CA SER C 87 2.14 -36.80 -23.91
C SER C 87 2.58 -36.65 -22.46
N VAL C 88 2.82 -35.44 -21.99
CA VAL C 88 3.28 -35.22 -20.62
C VAL C 88 2.28 -34.39 -19.81
N GLN C 89 1.06 -34.23 -20.31
CA GLN C 89 0.05 -33.44 -19.62
C GLN C 89 -0.48 -34.20 -18.41
N GLY C 90 -0.38 -33.58 -17.24
CA GLY C 90 -0.82 -34.21 -16.01
C GLY C 90 0.06 -35.31 -15.50
N ARG C 91 1.28 -35.46 -16.03
CA ARG C 91 2.19 -36.51 -15.61
C ARG C 91 3.49 -35.97 -15.04
N PHE C 92 4.07 -34.94 -15.66
CA PHE C 92 5.26 -34.30 -15.13
C PHE C 92 4.86 -33.07 -14.32
N THR C 93 5.84 -32.44 -13.67
CA THR C 93 5.58 -31.25 -12.89
C THR C 93 6.69 -30.24 -13.13
N VAL C 94 6.32 -28.97 -13.31
CA VAL C 94 7.29 -27.90 -13.55
C VAL C 94 7.16 -26.87 -12.45
N SER C 95 8.26 -26.61 -11.75
CA SER C 95 8.33 -25.57 -10.74
C SER C 95 9.45 -24.60 -11.10
N ARG C 96 9.31 -23.35 -10.64
CA ARG C 96 10.25 -22.28 -10.94
C ARG C 96 10.59 -21.53 -9.67
N ASP C 97 11.89 -21.31 -9.45
CA ASP C 97 12.38 -20.55 -8.29
C ASP C 97 13.18 -19.38 -8.84
N ASP C 98 12.59 -18.19 -8.81
CA ASP C 98 13.26 -16.98 -9.29
C ASP C 98 14.26 -16.44 -8.28
N ALA C 99 14.14 -16.80 -7.00
CA ALA C 99 15.11 -16.36 -6.01
C ALA C 99 16.44 -17.10 -6.17
N LYS C 100 16.39 -18.33 -6.70
CA LYS C 100 17.59 -19.10 -6.98
C LYS C 100 17.86 -19.22 -8.48
N ASN C 101 16.94 -18.74 -9.32
CA ASN C 101 17.00 -18.79 -10.79
C ASN C 101 17.18 -20.23 -11.29
N THR C 102 16.23 -21.08 -10.90
CA THR C 102 16.30 -22.50 -11.22
C THR C 102 14.90 -23.02 -11.53
N VAL C 103 14.76 -23.66 -12.69
CA VAL C 103 13.52 -24.33 -13.07
C VAL C 103 13.73 -25.83 -12.97
N TYR C 104 12.84 -26.49 -12.24
CA TYR C 104 12.92 -27.92 -12.00
C TYR C 104 12.00 -28.66 -12.95
N LEU C 105 12.10 -29.98 -12.93
CA LEU C 105 11.22 -30.85 -13.71
C LEU C 105 11.07 -32.15 -12.92
N GLN C 106 9.96 -32.27 -12.19
CA GLN C 106 9.65 -33.47 -11.43
C GLN C 106 9.06 -34.48 -12.41
N MET C 107 9.89 -35.43 -12.81
CA MET C 107 9.47 -36.58 -13.58
C MET C 107 8.80 -37.60 -12.67
N ASN C 108 7.54 -37.92 -12.96
CA ASN C 108 6.81 -38.95 -12.23
C ASN C 108 6.16 -39.88 -13.23
N SER C 109 6.22 -41.18 -12.94
CA SER C 109 5.64 -42.27 -13.75
C SER C 109 6.16 -42.25 -15.18
N LEU C 110 7.47 -42.48 -15.30
CA LEU C 110 8.15 -42.43 -16.59
C LEU C 110 7.84 -43.69 -17.38
N LYS C 111 7.20 -43.53 -18.53
CA LYS C 111 7.00 -44.64 -19.44
C LYS C 111 8.32 -44.96 -20.15
N PRO C 112 8.49 -46.20 -20.64
CA PRO C 112 9.71 -46.52 -21.38
C PRO C 112 9.78 -45.94 -22.80
N GLU C 113 8.75 -45.22 -23.26
CA GLU C 113 8.76 -44.57 -24.55
C GLU C 113 9.30 -43.15 -24.49
N ASP C 114 10.03 -42.79 -23.44
CA ASP C 114 10.60 -41.46 -23.29
C ASP C 114 12.11 -41.52 -23.06
N THR C 115 12.76 -42.55 -23.60
CA THR C 115 14.22 -42.64 -23.55
C THR C 115 14.79 -41.59 -24.49
N ALA C 116 15.18 -40.45 -23.95
CA ALA C 116 15.51 -39.30 -24.78
C ALA C 116 16.48 -38.39 -24.03
N VAL C 117 16.77 -37.24 -24.63
CA VAL C 117 17.63 -36.23 -24.06
C VAL C 117 16.80 -34.96 -23.88
N TYR C 118 16.83 -34.40 -22.68
CA TYR C 118 16.00 -33.24 -22.35
C TYR C 118 16.84 -31.97 -22.46
N TYR C 119 16.31 -30.98 -23.17
CA TYR C 119 16.97 -29.70 -23.38
C TYR C 119 16.27 -28.62 -22.56
N CYS C 120 17.08 -27.67 -22.07
CA CYS C 120 16.60 -26.51 -21.36
C CYS C 120 16.70 -25.29 -22.26
N ALA C 121 15.73 -24.38 -22.15
CA ALA C 121 15.68 -23.25 -23.07
C ALA C 121 15.26 -21.98 -22.35
N ILE C 122 15.96 -20.89 -22.63
CA ILE C 122 15.65 -19.56 -22.14
C ILE C 122 14.94 -18.79 -23.25
N ASP C 123 14.04 -17.89 -22.87
CA ASP C 123 13.34 -17.06 -23.83
C ASP C 123 14.02 -15.70 -23.95
N SER C 124 13.89 -15.09 -25.12
CA SER C 124 14.50 -13.79 -25.41
C SER C 124 13.43 -12.73 -25.73
N ASP C 125 12.23 -12.88 -25.17
CA ASP C 125 11.16 -11.92 -25.42
C ASP C 125 10.29 -11.85 -24.18
N THR C 126 9.91 -10.63 -23.82
CA THR C 126 9.04 -10.41 -22.65
C THR C 126 7.57 -10.68 -22.95
N PHE C 127 7.19 -10.82 -24.22
CA PHE C 127 5.83 -11.15 -24.59
C PHE C 127 5.63 -12.65 -24.81
N TYR C 128 6.63 -13.46 -24.45
CA TYR C 128 6.70 -14.92 -24.62
C TYR C 128 6.22 -15.39 -26.00
N SER C 129 6.75 -14.72 -27.03
CA SER C 129 6.42 -15.09 -28.40
C SER C 129 7.10 -16.39 -28.81
N GLY C 130 8.27 -16.68 -28.24
CA GLY C 130 8.96 -17.91 -28.56
C GLY C 130 10.31 -17.72 -29.22
N SER C 131 10.99 -16.62 -28.92
CA SER C 131 12.33 -16.36 -29.46
C SER C 131 13.34 -17.07 -28.57
N TYR C 132 13.75 -18.26 -29.00
CA TYR C 132 14.66 -19.10 -28.21
C TYR C 132 16.03 -19.10 -28.88
N ASP C 133 17.05 -18.67 -28.15
CA ASP C 133 18.40 -18.52 -28.69
C ASP C 133 19.44 -19.37 -27.98
N TYR C 134 19.41 -19.44 -26.66
CA TYR C 134 20.44 -20.12 -25.87
C TYR C 134 19.85 -21.37 -25.26
N TRP C 135 20.44 -22.52 -25.58
CA TRP C 135 20.00 -23.81 -25.05
C TRP C 135 21.11 -24.45 -24.22
N GLY C 136 20.78 -25.59 -23.62
CA GLY C 136 21.76 -26.37 -22.89
C GLY C 136 22.29 -27.54 -23.69
N GLN C 137 23.20 -28.30 -23.07
CA GLN C 137 23.80 -29.44 -23.75
C GLN C 137 22.88 -30.65 -23.74
N GLY C 138 22.17 -30.89 -22.64
CA GLY C 138 21.23 -31.99 -22.55
C GLY C 138 21.51 -32.88 -21.36
N THR C 139 20.67 -33.91 -21.22
CA THR C 139 20.77 -34.85 -20.12
C THR C 139 20.24 -36.21 -20.58
N GLN C 140 21.06 -37.25 -20.44
CA GLN C 140 20.66 -38.58 -20.88
C GLN C 140 19.65 -39.19 -19.93
N VAL C 141 18.56 -39.73 -20.47
CA VAL C 141 17.55 -40.44 -19.71
C VAL C 141 17.33 -41.79 -20.38
N THR C 142 17.49 -42.87 -19.61
CA THR C 142 17.40 -44.23 -20.15
C THR C 142 16.58 -45.08 -19.20
N VAL C 143 15.69 -45.89 -19.78
CA VAL C 143 14.76 -46.74 -19.03
C VAL C 143 15.26 -48.18 -19.09
N SER C 144 15.42 -48.80 -17.92
CA SER C 144 15.76 -50.21 -17.72
C SER C 144 17.04 -50.65 -18.45
N ASP D 21 -9.51 10.60 -14.79
CA ASP D 21 -8.38 11.30 -14.20
C ASP D 21 -7.43 10.28 -13.55
N ILE D 22 -7.99 9.42 -12.72
CA ILE D 22 -7.20 8.43 -11.98
C ILE D 22 -7.13 7.14 -12.79
N GLN D 23 -6.08 6.37 -12.55
CA GLN D 23 -5.87 5.12 -13.26
C GLN D 23 -6.36 3.94 -12.43
N MET D 24 -6.66 2.84 -13.12
CA MET D 24 -7.15 1.61 -12.49
C MET D 24 -6.50 0.45 -13.23
N THR D 25 -5.35 0.01 -12.75
CA THR D 25 -4.59 -1.02 -13.43
C THR D 25 -5.16 -2.40 -13.13
N GLN D 26 -4.81 -3.36 -13.99
CA GLN D 26 -5.36 -4.71 -13.88
C GLN D 26 -4.36 -5.68 -14.50
N SER D 27 -3.62 -6.40 -13.65
CA SER D 27 -2.44 -7.13 -14.07
C SER D 27 -2.68 -8.44 -14.82
N PRO D 28 -3.51 -9.43 -14.32
CA PRO D 28 -3.49 -10.71 -15.07
C PRO D 28 -4.35 -10.69 -16.34
N SER D 29 -3.87 -9.98 -17.35
CA SER D 29 -4.64 -9.69 -18.56
C SER D 29 -4.89 -10.90 -19.45
N SER D 30 -4.20 -12.02 -19.22
CA SER D 30 -4.41 -13.23 -20.03
C SER D 30 -4.24 -14.43 -19.11
N LEU D 31 -5.35 -14.93 -18.59
CA LEU D 31 -5.33 -16.12 -17.74
C LEU D 31 -5.71 -17.36 -18.54
N SER D 32 -5.45 -18.52 -17.94
CA SER D 32 -5.76 -19.80 -18.58
C SER D 32 -5.91 -20.84 -17.48
N ALA D 33 -7.09 -21.45 -17.38
CA ALA D 33 -7.34 -22.47 -16.38
C ALA D 33 -8.38 -23.44 -16.89
N SER D 34 -8.53 -24.56 -16.20
CA SER D 34 -9.47 -25.61 -16.56
C SER D 34 -10.70 -25.54 -15.67
N VAL D 35 -11.62 -26.47 -15.90
CA VAL D 35 -12.87 -26.55 -15.15
C VAL D 35 -12.54 -27.11 -13.78
N GLY D 36 -12.54 -26.25 -12.76
CA GLY D 36 -12.26 -26.68 -11.41
C GLY D 36 -10.98 -26.09 -10.84
N ASP D 37 -10.61 -24.90 -11.31
CA ASP D 37 -9.38 -24.24 -10.89
C ASP D 37 -9.73 -22.89 -10.30
N ARG D 38 -9.22 -22.63 -9.09
CA ARG D 38 -9.42 -21.34 -8.45
C ARG D 38 -8.51 -20.29 -9.09
N VAL D 39 -9.10 -19.20 -9.57
CA VAL D 39 -8.34 -18.14 -10.22
C VAL D 39 -8.54 -16.83 -9.45
N THR D 40 -7.50 -15.99 -9.49
CA THR D 40 -7.49 -14.71 -8.81
C THR D 40 -7.17 -13.62 -9.83
N ILE D 41 -7.91 -12.52 -9.76
CA ILE D 41 -7.73 -11.37 -10.63
C ILE D 41 -7.55 -10.15 -9.75
N THR D 42 -6.40 -9.50 -9.84
CA THR D 42 -6.11 -8.33 -9.03
C THR D 42 -6.39 -7.05 -9.81
N CYS D 43 -6.57 -5.95 -9.09
CA CYS D 43 -6.85 -4.65 -9.69
C CYS D 43 -6.37 -3.58 -8.71
N ARG D 44 -5.46 -2.73 -9.17
CA ARG D 44 -4.81 -1.75 -8.30
C ARG D 44 -5.26 -0.35 -8.67
N ALA D 45 -5.72 0.40 -7.68
CA ALA D 45 -6.10 1.80 -7.87
C ALA D 45 -4.87 2.70 -7.71
N SER D 46 -5.06 3.98 -8.04
CA SER D 46 -4.02 4.99 -7.87
C SER D 46 -4.22 5.78 -6.59
N GLN D 47 -5.39 6.40 -6.42
CA GLN D 47 -5.69 7.09 -5.17
C GLN D 47 -6.21 6.10 -4.13
N SER D 48 -6.56 6.62 -2.96
CA SER D 48 -7.07 5.79 -1.86
C SER D 48 -8.59 5.68 -1.98
N VAL D 49 -9.01 4.96 -3.03
CA VAL D 49 -10.43 4.73 -3.28
C VAL D 49 -10.98 3.78 -2.23
N SER D 50 -12.17 4.10 -1.70
CA SER D 50 -12.77 3.31 -0.64
C SER D 50 -13.37 2.03 -1.20
N SER D 51 -14.16 1.32 -0.38
CA SER D 51 -14.71 0.02 -0.74
C SER D 51 -15.91 0.18 -1.70
N ALA D 52 -15.61 0.69 -2.89
CA ALA D 52 -16.60 0.87 -3.95
C ALA D 52 -15.90 0.59 -5.29
N VAL D 53 -15.95 -0.66 -5.72
CA VAL D 53 -15.42 -1.06 -7.01
C VAL D 53 -16.40 -2.08 -7.58
N ALA D 54 -16.30 -2.35 -8.88
CA ALA D 54 -17.21 -3.23 -9.57
C ALA D 54 -16.44 -4.17 -10.47
N TRP D 55 -16.85 -5.44 -10.43
CA TRP D 55 -16.33 -6.47 -11.31
C TRP D 55 -17.44 -6.89 -12.26
N TYR D 56 -17.12 -6.89 -13.55
CA TYR D 56 -18.09 -7.10 -14.64
C TYR D 56 -17.69 -8.31 -15.47
N GLN D 57 -18.70 -9.03 -15.95
CA GLN D 57 -18.51 -10.17 -16.83
C GLN D 57 -19.13 -9.86 -18.18
N GLN D 58 -18.32 -9.88 -19.24
CA GLN D 58 -18.79 -9.65 -20.60
C GLN D 58 -18.48 -10.88 -21.44
N LYS D 59 -19.54 -11.54 -21.92
CA LYS D 59 -19.39 -12.58 -22.90
C LYS D 59 -18.95 -11.96 -24.23
N PRO D 60 -18.22 -12.72 -25.07
CA PRO D 60 -17.83 -12.18 -26.38
C PRO D 60 -19.01 -11.92 -27.31
N GLY D 61 -19.28 -10.64 -27.58
CA GLY D 61 -20.39 -10.26 -28.42
C GLY D 61 -21.54 -9.61 -27.67
N LYS D 62 -21.82 -10.10 -26.47
CA LYS D 62 -22.96 -9.63 -25.69
C LYS D 62 -22.55 -8.44 -24.82
N ALA D 63 -23.46 -8.02 -23.94
CA ALA D 63 -23.28 -6.87 -23.08
C ALA D 63 -22.65 -7.29 -21.76
N PRO D 64 -21.92 -6.38 -21.10
CA PRO D 64 -21.41 -6.69 -19.75
C PRO D 64 -22.53 -6.76 -18.74
N LYS D 65 -22.28 -7.51 -17.66
CA LYS D 65 -23.23 -7.70 -16.58
C LYS D 65 -22.55 -7.43 -15.25
N LEU D 66 -23.33 -6.95 -14.28
CA LEU D 66 -22.80 -6.74 -12.94
C LEU D 66 -22.60 -8.07 -12.24
N LEU D 67 -21.36 -8.32 -11.81
CA LEU D 67 -21.00 -9.54 -11.13
C LEU D 67 -20.68 -9.31 -9.66
N ILE D 68 -19.81 -8.35 -9.35
CA ILE D 68 -19.47 -8.01 -7.96
C ILE D 68 -19.59 -6.49 -7.81
N TYR D 69 -20.30 -6.04 -6.78
CA TYR D 69 -20.37 -4.62 -6.47
C TYR D 69 -19.93 -4.38 -5.03
N SER D 70 -19.37 -3.20 -4.79
CA SER D 70 -18.89 -2.72 -3.48
C SER D 70 -17.78 -3.60 -2.89
N ALA D 71 -17.05 -4.31 -3.76
CA ALA D 71 -15.80 -5.03 -3.50
C ALA D 71 -15.92 -6.23 -2.57
N SER D 72 -17.09 -6.46 -1.97
CA SER D 72 -17.29 -7.63 -1.12
C SER D 72 -18.64 -8.29 -1.28
N SER D 73 -19.67 -7.59 -1.77
CA SER D 73 -21.02 -8.12 -1.80
C SER D 73 -21.30 -8.83 -3.11
N LEU D 74 -22.13 -9.86 -3.03
CA LEU D 74 -22.52 -10.65 -4.19
C LEU D 74 -23.85 -10.14 -4.72
N TYR D 75 -23.93 -9.94 -6.03
CA TYR D 75 -25.14 -9.45 -6.65
C TYR D 75 -26.17 -10.57 -6.76
N SER D 76 -27.44 -10.21 -6.60
CA SER D 76 -28.54 -11.18 -6.66
C SER D 76 -28.75 -11.58 -8.11
N GLY D 77 -28.35 -12.80 -8.46
CA GLY D 77 -28.48 -13.29 -9.81
C GLY D 77 -27.30 -14.12 -10.26
N VAL D 78 -26.14 -13.88 -9.66
CA VAL D 78 -24.92 -14.63 -9.99
C VAL D 78 -24.64 -15.60 -8.85
N PRO D 79 -24.02 -16.77 -9.11
CA PRO D 79 -23.86 -17.78 -8.06
C PRO D 79 -22.85 -17.42 -6.99
N SER D 80 -22.70 -18.31 -5.99
CA SER D 80 -21.86 -18.05 -4.83
C SER D 80 -20.38 -18.31 -5.09
N ARG D 81 -20.01 -18.74 -6.29
CA ARG D 81 -18.61 -19.01 -6.60
C ARG D 81 -17.82 -17.75 -6.97
N PHE D 82 -18.44 -16.58 -6.91
CA PHE D 82 -17.77 -15.31 -7.15
C PHE D 82 -17.67 -14.53 -5.85
N SER D 83 -16.54 -13.87 -5.63
CA SER D 83 -16.31 -13.12 -4.42
C SER D 83 -15.38 -11.95 -4.72
N GLY D 84 -14.87 -11.33 -3.67
CA GLY D 84 -13.96 -10.20 -3.82
C GLY D 84 -13.40 -9.82 -2.47
N SER D 85 -12.30 -9.07 -2.52
CA SER D 85 -11.61 -8.69 -1.30
C SER D 85 -10.89 -7.37 -1.51
N ARG D 86 -11.00 -6.47 -0.53
CA ARG D 86 -10.31 -5.19 -0.53
C ARG D 86 -9.11 -5.28 0.40
N SER D 87 -7.95 -4.85 -0.08
CA SER D 87 -6.73 -4.75 0.71
C SER D 87 -6.07 -3.43 0.31
N GLY D 88 -6.39 -2.36 1.05
CA GLY D 88 -5.89 -1.05 0.74
C GLY D 88 -6.45 -0.52 -0.57
N THR D 89 -5.60 -0.48 -1.60
CA THR D 89 -6.01 -0.12 -2.94
C THR D 89 -5.89 -1.30 -3.90
N ASP D 90 -6.01 -2.52 -3.36
CA ASP D 90 -5.91 -3.75 -4.15
C ASP D 90 -7.22 -4.50 -4.03
N PHE D 91 -7.94 -4.64 -5.14
CA PHE D 91 -9.21 -5.34 -5.18
C PHE D 91 -9.00 -6.66 -5.91
N THR D 92 -9.39 -7.77 -5.26
CA THR D 92 -9.08 -9.10 -5.77
C THR D 92 -10.37 -9.89 -5.93
N LEU D 93 -10.62 -10.36 -7.15
CA LEU D 93 -11.69 -11.32 -7.41
C LEU D 93 -11.14 -12.73 -7.37
N THR D 94 -11.90 -13.64 -6.75
CA THR D 94 -11.51 -15.04 -6.64
C THR D 94 -12.68 -15.91 -7.13
N ILE D 95 -12.40 -16.77 -8.11
CA ILE D 95 -13.35 -17.77 -8.57
C ILE D 95 -12.87 -19.13 -8.07
N SER D 96 -13.72 -19.82 -7.32
CA SER D 96 -13.32 -21.07 -6.70
C SER D 96 -13.39 -22.24 -7.68
N SER D 97 -14.57 -22.54 -8.20
CA SER D 97 -14.78 -23.62 -9.16
C SER D 97 -15.15 -23.00 -10.49
N LEU D 98 -14.25 -23.10 -11.47
CA LEU D 98 -14.43 -22.43 -12.75
C LEU D 98 -15.44 -23.21 -13.58
N GLN D 99 -16.66 -22.68 -13.66
CA GLN D 99 -17.70 -23.23 -14.51
C GLN D 99 -17.31 -22.99 -15.98
N PRO D 100 -17.68 -23.90 -16.88
CA PRO D 100 -17.48 -23.62 -18.32
C PRO D 100 -18.34 -22.47 -18.85
N GLU D 101 -19.37 -22.05 -18.12
CA GLU D 101 -20.07 -20.81 -18.44
C GLU D 101 -19.22 -19.58 -18.15
N ASP D 102 -18.26 -19.69 -17.23
CA ASP D 102 -17.51 -18.55 -16.73
C ASP D 102 -16.28 -18.21 -17.57
N PHE D 103 -16.25 -18.61 -18.84
CA PHE D 103 -15.18 -18.21 -19.75
C PHE D 103 -15.65 -16.96 -20.49
N ALA D 104 -15.24 -15.80 -19.99
CA ALA D 104 -15.64 -14.51 -20.54
C ALA D 104 -14.54 -13.52 -20.23
N THR D 105 -14.82 -12.24 -20.42
CA THR D 105 -13.87 -11.17 -20.13
C THR D 105 -14.32 -10.41 -18.89
N TYR D 106 -13.43 -10.29 -17.92
CA TYR D 106 -13.75 -9.69 -16.63
C TYR D 106 -13.12 -8.31 -16.52
N TYR D 107 -13.94 -7.32 -16.19
CA TYR D 107 -13.51 -5.92 -16.14
C TYR D 107 -13.59 -5.38 -14.72
N CYS D 108 -12.68 -4.46 -14.41
CA CYS D 108 -12.58 -3.79 -13.13
C CYS D 108 -12.91 -2.32 -13.31
N GLN D 109 -13.82 -1.80 -12.51
CA GLN D 109 -14.30 -0.43 -12.65
C GLN D 109 -14.47 0.19 -11.28
N GLN D 110 -13.67 1.19 -10.95
CA GLN D 110 -13.90 1.93 -9.73
C GLN D 110 -15.04 2.92 -9.95
N TYR D 111 -15.96 2.98 -9.00
CA TYR D 111 -17.03 3.98 -9.01
C TYR D 111 -16.92 4.78 -7.72
N LEU D 112 -16.69 6.06 -7.86
CA LEU D 112 -16.64 6.93 -6.69
C LEU D 112 -17.53 8.15 -6.88
N TYR D 113 -17.61 8.69 -8.09
CA TYR D 113 -18.49 9.81 -8.38
C TYR D 113 -19.12 9.56 -9.75
N TYR D 114 -20.13 10.38 -10.07
CA TYR D 114 -20.82 10.35 -11.36
C TYR D 114 -19.87 10.54 -12.55
N SER D 115 -18.79 11.31 -12.39
CA SER D 115 -17.93 11.67 -13.51
C SER D 115 -16.49 11.17 -13.34
N LEU D 116 -16.25 10.19 -12.49
CA LEU D 116 -14.93 9.60 -12.32
C LEU D 116 -14.97 8.10 -12.56
N VAL D 117 -15.72 7.69 -13.58
CA VAL D 117 -15.84 6.29 -13.95
C VAL D 117 -14.64 5.94 -14.82
N THR D 118 -13.71 5.17 -14.27
CA THR D 118 -12.53 4.71 -15.01
C THR D 118 -12.48 3.19 -14.96
N PHE D 119 -12.66 2.55 -16.11
CA PHE D 119 -12.60 1.10 -16.22
C PHE D 119 -11.15 0.61 -16.16
N GLY D 120 -11.01 -0.72 -16.14
CA GLY D 120 -9.71 -1.35 -16.22
C GLY D 120 -9.34 -1.68 -17.65
N GLN D 121 -8.46 -2.66 -17.80
CA GLN D 121 -8.05 -3.11 -19.13
C GLN D 121 -8.87 -4.31 -19.59
N GLY D 122 -9.03 -5.32 -18.74
CA GLY D 122 -9.81 -6.49 -19.10
C GLY D 122 -8.95 -7.74 -19.04
N THR D 123 -9.51 -8.78 -18.40
CA THR D 123 -8.84 -10.05 -18.24
C THR D 123 -9.64 -11.12 -18.96
N LYS D 124 -9.05 -11.69 -20.01
CA LYS D 124 -9.71 -12.72 -20.82
C LYS D 124 -9.21 -14.08 -20.40
N VAL D 125 -10.05 -14.84 -19.71
CA VAL D 125 -9.67 -16.17 -19.26
C VAL D 125 -9.74 -17.14 -20.43
N GLU D 126 -8.94 -18.20 -20.36
CA GLU D 126 -8.83 -19.19 -21.42
C GLU D 126 -8.92 -20.59 -20.81
N ILE D 127 -9.00 -21.59 -21.67
CA ILE D 127 -9.05 -23.00 -21.26
C ILE D 127 -7.63 -23.55 -21.24
N LYS D 128 -7.26 -24.17 -20.13
CA LYS D 128 -5.95 -24.82 -20.03
C LYS D 128 -5.90 -26.02 -20.96
N ARG D 129 -4.91 -26.03 -21.86
CA ARG D 129 -4.81 -27.03 -22.90
C ARG D 129 -3.35 -27.15 -23.30
N THR D 130 -3.00 -28.31 -23.85
CA THR D 130 -1.62 -28.63 -24.20
C THR D 130 -1.13 -27.74 -25.34
N VAL D 131 0.20 -27.59 -25.41
CA VAL D 131 0.82 -26.77 -26.44
C VAL D 131 1.01 -27.61 -27.69
N ALA D 132 0.39 -27.19 -28.78
CA ALA D 132 0.52 -27.86 -30.07
C ALA D 132 1.28 -26.97 -31.02
N ALA D 133 2.13 -27.58 -31.85
CA ALA D 133 2.88 -26.82 -32.84
C ALA D 133 1.95 -26.38 -33.97
N PRO D 134 2.09 -25.14 -34.45
CA PRO D 134 1.22 -24.69 -35.55
C PRO D 134 1.59 -25.33 -36.87
N SER D 135 0.56 -25.71 -37.63
CA SER D 135 0.73 -26.18 -39.00
C SER D 135 0.90 -24.96 -39.89
N VAL D 136 2.14 -24.54 -40.09
CA VAL D 136 2.44 -23.27 -40.73
C VAL D 136 2.36 -23.45 -42.25
N PHE D 137 1.39 -22.78 -42.86
CA PHE D 137 1.14 -22.87 -44.29
C PHE D 137 1.30 -21.49 -44.91
N ILE D 138 1.57 -21.46 -46.22
CA ILE D 138 1.75 -20.21 -46.94
C ILE D 138 0.91 -20.27 -48.22
N PHE D 139 0.33 -19.14 -48.60
CA PHE D 139 -0.48 -19.04 -49.81
C PHE D 139 -0.02 -17.86 -50.64
N PRO D 140 0.44 -18.09 -51.87
CA PRO D 140 0.72 -16.99 -52.81
C PRO D 140 -0.58 -16.50 -53.42
N PRO D 141 -0.58 -15.32 -54.06
CA PRO D 141 -1.81 -14.84 -54.68
C PRO D 141 -2.15 -15.61 -55.94
N SER D 142 -3.41 -15.50 -56.34
CA SER D 142 -3.90 -16.21 -57.53
C SER D 142 -3.53 -15.43 -58.79
N ASP D 143 -4.08 -15.87 -59.92
CA ASP D 143 -3.82 -15.21 -61.18
C ASP D 143 -4.64 -13.93 -61.37
N SER D 144 -5.56 -13.64 -60.46
CA SER D 144 -6.44 -12.48 -60.61
C SER D 144 -5.88 -11.23 -59.93
N GLN D 145 -5.14 -11.39 -58.83
CA GLN D 145 -4.57 -10.22 -58.17
C GLN D 145 -3.41 -9.63 -58.94
N LEU D 146 -2.70 -10.45 -59.74
CA LEU D 146 -1.64 -9.91 -60.57
C LEU D 146 -2.18 -9.13 -61.77
N LYS D 147 -3.44 -9.34 -62.14
CA LYS D 147 -4.08 -8.52 -63.16
C LYS D 147 -4.92 -7.39 -62.58
N SER D 148 -5.32 -7.49 -61.32
CA SER D 148 -6.12 -6.43 -60.71
C SER D 148 -5.27 -5.20 -60.40
N GLY D 149 -4.15 -5.40 -59.71
CA GLY D 149 -3.26 -4.30 -59.40
C GLY D 149 -2.79 -4.26 -57.96
N THR D 150 -3.16 -5.28 -57.19
CA THR D 150 -2.75 -5.37 -55.78
C THR D 150 -2.63 -6.85 -55.42
N ALA D 151 -1.42 -7.28 -55.08
CA ALA D 151 -1.17 -8.66 -54.71
C ALA D 151 -1.17 -8.81 -53.19
N SER D 152 -1.38 -10.05 -52.74
CA SER D 152 -1.49 -10.31 -51.32
C SER D 152 -1.07 -11.74 -51.04
N VAL D 153 0.02 -11.90 -50.29
CA VAL D 153 0.45 -13.21 -49.80
C VAL D 153 -0.08 -13.38 -48.38
N VAL D 154 -0.41 -14.61 -48.00
CA VAL D 154 -0.86 -14.84 -46.62
C VAL D 154 -0.13 -16.04 -46.04
N CYS D 155 -0.05 -16.06 -44.72
CA CYS D 155 0.50 -17.19 -43.98
C CYS D 155 -0.49 -17.60 -42.89
N LEU D 156 -0.78 -18.89 -42.84
CA LEU D 156 -1.75 -19.47 -41.94
C LEU D 156 -1.05 -20.26 -40.84
N LEU D 157 -1.49 -20.09 -39.61
CA LEU D 157 -1.10 -20.93 -38.48
C LEU D 157 -2.37 -21.56 -37.95
N ASN D 158 -2.48 -22.88 -38.05
CA ASN D 158 -3.69 -23.59 -37.64
C ASN D 158 -3.38 -24.50 -36.48
N ASN D 159 -4.34 -24.61 -35.54
CA ASN D 159 -4.36 -25.62 -34.48
C ASN D 159 -3.15 -25.50 -33.56
N PHE D 160 -3.05 -24.34 -32.91
CA PHE D 160 -1.94 -24.06 -32.00
C PHE D 160 -2.46 -23.38 -30.74
N TYR D 161 -1.63 -23.41 -29.70
CA TYR D 161 -1.95 -22.83 -28.40
C TYR D 161 -0.65 -22.54 -27.65
N PRO D 162 -0.49 -21.37 -27.02
CA PRO D 162 -1.39 -20.21 -26.88
C PRO D 162 -1.45 -19.30 -28.11
N ARG D 163 -1.90 -18.07 -27.90
CA ARG D 163 -2.15 -17.16 -29.02
C ARG D 163 -0.86 -16.54 -29.55
N GLU D 164 0.12 -16.37 -28.68
CA GLU D 164 1.31 -15.56 -29.00
C GLU D 164 2.23 -16.32 -29.94
N ALA D 165 2.28 -15.88 -31.20
CA ALA D 165 3.19 -16.41 -32.21
C ALA D 165 3.54 -15.26 -33.15
N LYS D 166 4.83 -14.97 -33.27
CA LYS D 166 5.31 -13.78 -33.98
C LYS D 166 5.81 -14.18 -35.36
N VAL D 167 5.14 -13.67 -36.40
CA VAL D 167 5.57 -13.85 -37.78
C VAL D 167 6.36 -12.60 -38.17
N GLN D 168 7.33 -12.77 -39.08
CA GLN D 168 8.24 -11.69 -39.42
C GLN D 168 8.30 -11.33 -40.89
N TRP D 169 7.83 -12.21 -41.79
CA TRP D 169 7.71 -11.99 -43.24
C TRP D 169 9.07 -11.67 -43.86
N LYS D 170 9.94 -12.68 -43.88
CA LYS D 170 11.27 -12.53 -44.48
C LYS D 170 11.13 -12.41 -45.99
N VAL D 171 11.18 -11.20 -46.50
CA VAL D 171 11.30 -10.91 -47.93
C VAL D 171 12.68 -10.32 -48.16
N ASP D 172 13.41 -10.90 -49.11
CA ASP D 172 14.83 -10.60 -49.41
C ASP D 172 15.70 -10.80 -48.16
N ASN D 173 15.34 -11.81 -47.35
CA ASN D 173 16.00 -12.15 -46.07
C ASN D 173 16.04 -10.95 -45.12
N ALA D 174 14.97 -10.15 -45.13
CA ALA D 174 14.89 -8.95 -44.33
C ALA D 174 13.53 -8.90 -43.62
N LEU D 175 13.51 -8.21 -42.48
CA LEU D 175 12.31 -8.11 -41.66
C LEU D 175 11.46 -6.95 -42.18
N GLN D 176 10.47 -7.28 -43.01
CA GLN D 176 9.53 -6.27 -43.50
C GLN D 176 8.57 -5.88 -42.38
N SER D 177 8.50 -4.59 -42.08
CA SER D 177 7.66 -4.08 -41.00
C SER D 177 6.75 -2.99 -41.54
N GLY D 178 5.56 -2.89 -40.92
CA GLY D 178 4.59 -1.89 -41.30
C GLY D 178 3.67 -2.28 -42.43
N ASN D 179 3.99 -3.34 -43.19
CA ASN D 179 3.16 -3.77 -44.30
C ASN D 179 2.40 -5.06 -44.01
N SER D 180 2.67 -5.71 -42.88
CA SER D 180 1.94 -6.91 -42.48
C SER D 180 0.65 -6.53 -41.77
N GLN D 181 -0.24 -7.51 -41.64
CA GLN D 181 -1.55 -7.28 -41.03
C GLN D 181 -2.07 -8.60 -40.51
N GLU D 182 -2.18 -8.72 -39.19
CA GLU D 182 -2.54 -9.97 -38.53
C GLU D 182 -3.99 -9.97 -38.09
N SER D 183 -4.54 -11.18 -37.92
CA SER D 183 -5.92 -11.34 -37.47
C SER D 183 -6.04 -12.72 -36.82
N VAL D 184 -6.17 -12.76 -35.51
CA VAL D 184 -6.36 -14.01 -34.79
C VAL D 184 -7.85 -14.27 -34.63
N THR D 185 -8.21 -15.53 -34.44
CA THR D 185 -9.60 -15.95 -34.29
C THR D 185 -9.88 -16.28 -32.83
N GLU D 186 -11.15 -16.53 -32.55
CA GLU D 186 -11.58 -16.89 -31.20
C GLU D 186 -11.26 -18.36 -30.93
N GLN D 187 -11.62 -18.83 -29.74
CA GLN D 187 -11.25 -20.17 -29.31
C GLN D 187 -12.26 -21.17 -29.84
N ASP D 188 -11.76 -22.29 -30.36
CA ASP D 188 -12.61 -23.30 -30.96
C ASP D 188 -13.36 -24.06 -29.87
N SER D 189 -14.61 -24.41 -30.15
CA SER D 189 -15.41 -25.17 -29.19
C SER D 189 -15.19 -26.68 -29.31
N LYS D 190 -14.46 -27.14 -30.33
CA LYS D 190 -14.27 -28.57 -30.53
C LYS D 190 -13.02 -29.09 -29.85
N ASP D 191 -11.90 -28.38 -29.96
CA ASP D 191 -10.65 -28.84 -29.37
C ASP D 191 -9.89 -27.75 -28.60
N SER D 192 -10.45 -26.54 -28.50
CA SER D 192 -9.89 -25.39 -27.75
C SER D 192 -8.48 -25.03 -28.24
N THR D 193 -8.41 -24.60 -29.49
CA THR D 193 -7.16 -24.20 -30.11
C THR D 193 -7.40 -22.98 -30.99
N TYR D 194 -6.32 -22.44 -31.56
CA TYR D 194 -6.35 -21.15 -32.22
C TYR D 194 -5.90 -21.23 -33.67
N SER D 195 -6.23 -20.18 -34.42
CA SER D 195 -5.80 -20.00 -35.80
C SER D 195 -5.42 -18.55 -36.02
N LEU D 196 -4.43 -18.33 -36.88
CA LEU D 196 -3.88 -17.02 -37.17
C LEU D 196 -3.71 -16.90 -38.68
N SER D 197 -3.99 -15.71 -39.21
CA SER D 197 -3.86 -15.45 -40.64
C SER D 197 -3.16 -14.10 -40.82
N SER D 198 -1.87 -14.14 -41.12
CA SER D 198 -1.12 -12.94 -41.39
C SER D 198 -1.18 -12.64 -42.87
N THR D 199 -1.40 -11.37 -43.21
CA THR D 199 -1.68 -10.95 -44.59
C THR D 199 -0.71 -9.83 -44.98
N LEU D 200 0.22 -10.14 -45.87
CA LEU D 200 1.13 -9.15 -46.41
C LEU D 200 0.63 -8.72 -47.78
N THR D 201 0.16 -7.47 -47.87
CA THR D 201 -0.36 -6.91 -49.11
C THR D 201 0.67 -5.99 -49.74
N LEU D 202 0.80 -6.07 -51.06
CA LEU D 202 1.73 -5.23 -51.81
C LEU D 202 1.09 -4.83 -53.13
N SER D 203 1.80 -3.94 -53.83
CA SER D 203 1.43 -3.53 -55.17
C SER D 203 1.93 -4.54 -56.20
N LYS D 204 1.98 -4.13 -57.48
CA LYS D 204 2.50 -4.97 -58.55
C LYS D 204 4.04 -5.18 -58.48
N ALA D 205 4.70 -4.63 -57.47
CA ALA D 205 6.12 -4.86 -57.19
C ALA D 205 6.40 -6.23 -56.57
N ASP D 206 5.42 -7.14 -56.53
CA ASP D 206 5.69 -8.51 -56.12
C ASP D 206 6.51 -9.26 -57.17
N TYR D 207 6.49 -8.80 -58.42
CA TYR D 207 7.21 -9.49 -59.48
C TYR D 207 8.68 -9.08 -59.55
N GLU D 208 8.95 -7.78 -59.71
CA GLU D 208 10.29 -7.32 -60.04
C GLU D 208 11.21 -7.20 -58.84
N LYS D 209 10.77 -7.63 -57.66
CA LYS D 209 11.70 -7.80 -56.55
C LYS D 209 12.32 -9.19 -56.59
N HIS D 210 12.98 -9.58 -55.51
CA HIS D 210 13.60 -10.89 -55.46
C HIS D 210 12.55 -11.98 -55.32
N LYS D 211 12.82 -13.13 -55.96
CA LYS D 211 11.79 -14.14 -56.18
C LYS D 211 11.41 -14.90 -54.92
N VAL D 212 12.27 -14.89 -53.89
CA VAL D 212 11.95 -15.61 -52.66
C VAL D 212 10.93 -14.81 -51.86
N TYR D 213 9.93 -15.52 -51.31
CA TYR D 213 8.95 -14.91 -50.42
C TYR D 213 8.68 -15.89 -49.29
N ALA D 214 9.10 -15.53 -48.08
CA ALA D 214 9.06 -16.42 -46.94
C ALA D 214 8.40 -15.73 -45.76
N CYS D 215 7.80 -16.53 -44.88
CA CYS D 215 7.39 -16.08 -43.57
C CYS D 215 7.99 -17.02 -42.53
N GLU D 216 8.72 -16.45 -41.58
CA GLU D 216 9.27 -17.17 -40.45
C GLU D 216 8.44 -16.85 -39.22
N VAL D 217 7.96 -17.88 -38.54
CA VAL D 217 7.15 -17.70 -37.34
C VAL D 217 7.71 -18.62 -36.25
N THR D 218 7.69 -18.15 -35.01
CA THR D 218 8.16 -18.90 -33.87
C THR D 218 7.02 -19.12 -32.89
N HIS D 219 7.21 -20.12 -32.02
CA HIS D 219 6.20 -20.51 -31.06
C HIS D 219 6.91 -21.30 -29.97
N GLN D 220 6.28 -21.37 -28.79
CA GLN D 220 6.85 -22.11 -27.68
C GLN D 220 6.88 -23.61 -27.93
N GLY D 221 5.96 -24.14 -28.73
CA GLY D 221 5.99 -25.53 -29.12
C GLY D 221 6.92 -25.84 -30.28
N LEU D 222 7.65 -24.85 -30.76
CA LEU D 222 8.59 -25.01 -31.86
C LEU D 222 10.01 -24.82 -31.33
N SER D 223 10.90 -25.75 -31.67
CA SER D 223 12.30 -25.61 -31.30
C SER D 223 12.97 -24.50 -32.10
N SER D 224 13.01 -24.66 -33.42
CA SER D 224 13.44 -23.68 -34.40
C SER D 224 12.22 -23.03 -35.04
N PRO D 225 12.28 -21.75 -35.36
CA PRO D 225 11.13 -21.08 -35.99
C PRO D 225 10.91 -21.59 -37.40
N VAL D 226 9.67 -21.95 -37.70
CA VAL D 226 9.32 -22.52 -38.99
C VAL D 226 9.31 -21.42 -40.05
N THR D 227 10.08 -21.63 -41.12
CA THR D 227 10.19 -20.70 -42.23
C THR D 227 9.55 -21.37 -43.45
N LYS D 228 8.40 -20.86 -43.88
CA LYS D 228 7.74 -21.37 -45.08
C LYS D 228 7.92 -20.37 -46.21
N SER D 229 8.40 -20.86 -47.36
CA SER D 229 8.82 -20.01 -48.46
C SER D 229 8.28 -20.53 -49.78
N PHE D 230 8.15 -19.61 -50.74
CA PHE D 230 7.92 -19.99 -52.13
C PHE D 230 8.71 -19.05 -53.04
N ASN D 231 9.08 -19.57 -54.20
CA ASN D 231 9.80 -18.80 -55.20
C ASN D 231 8.84 -18.28 -56.25
N ARG D 232 9.40 -17.62 -57.26
CA ARG D 232 8.73 -16.93 -58.40
C ARG D 232 7.42 -16.21 -58.07
#